data_6CNZ
#
_entry.id   6CNZ
#
_cell.length_a   51.710
_cell.length_b   121.380
_cell.length_c   88.670
_cell.angle_alpha   90.000
_cell.angle_beta   99.990
_cell.angle_gamma   90.000
#
_symmetry.space_group_name_H-M   'P 1 21 1'
#
loop_
_entity.id
_entity.type
_entity.pdbx_description
1 polymer 'Chorismate mutase'
2 non-polymer 'NITRATE ION'
3 non-polymer 1,2-ETHANEDIOL
4 water water
#
_entity_poly.entity_id   1
_entity_poly.type   'polypeptide(L)'
_entity_poly.pdbx_seq_one_letter_code
;MAHHHHHHMADGDDTALTNLVALASQRLALAEPVAHWKWINRKPISDPPREAALLTDVEKRATANGVDPAYARTFFDDQI
AASKQLQNALFATWRATHGPEGPAPDLATSTRPQLDRLTQSLIAALARVAPLRDAPDCPSRLARSIANWKTLTRYDSAQK
DALGTALSHVCAAGGASAVG
;
_entity_poly.pdbx_strand_id   A,B,C,D,E,F
#
loop_
_chem_comp.id
_chem_comp.type
_chem_comp.name
_chem_comp.formula
EDO non-polymer 1,2-ETHANEDIOL 'C2 H6 O2'
NO3 non-polymer 'NITRATE ION' 'N O3 -1'
#
# COMPACT_ATOMS: atom_id res chain seq x y z
N ASP A 13 10.91 -26.38 -7.84
CA ASP A 13 10.66 -25.17 -7.05
C ASP A 13 10.23 -24.00 -7.93
N ASP A 14 9.87 -22.90 -7.27
CA ASP A 14 9.57 -21.63 -7.92
C ASP A 14 10.84 -20.88 -8.33
N THR A 15 11.96 -21.60 -8.42
CA THR A 15 13.19 -20.94 -8.82
C THR A 15 13.15 -20.54 -10.29
N ALA A 16 12.39 -21.27 -11.12
CA ALA A 16 12.30 -20.91 -12.53
C ALA A 16 11.78 -19.48 -12.68
N LEU A 17 10.68 -19.17 -12.00
CA LEU A 17 10.15 -17.81 -12.01
C LEU A 17 11.15 -16.81 -11.42
N THR A 18 11.76 -17.16 -10.29
CA THR A 18 12.70 -16.26 -9.64
C THR A 18 13.85 -15.87 -10.55
N ASN A 19 14.39 -16.85 -11.27
CA ASN A 19 15.48 -16.58 -12.21
C ASN A 19 15.02 -15.72 -13.36
N LEU A 20 13.79 -15.98 -13.84
CA LEU A 20 13.22 -15.18 -14.92
C LEU A 20 13.08 -13.71 -14.52
N VAL A 21 12.53 -13.45 -13.33
CA VAL A 21 12.41 -12.09 -12.82
C VAL A 21 13.78 -11.41 -12.76
N ALA A 22 14.76 -12.09 -12.17
CA ALA A 22 16.09 -11.49 -12.01
C ALA A 22 16.68 -11.10 -13.36
N LEU A 23 16.54 -11.97 -14.35
CA LEU A 23 17.15 -11.67 -15.64
C LEU A 23 16.38 -10.57 -16.36
N ALA A 24 15.04 -10.58 -16.25
CA ALA A 24 14.26 -9.52 -16.87
C ALA A 24 14.61 -8.18 -16.27
N SER A 25 14.83 -8.15 -14.96
CA SER A 25 15.24 -6.91 -14.30
C SER A 25 16.64 -6.51 -14.74
N GLN A 26 17.53 -7.48 -14.88
CA GLN A 26 18.88 -7.20 -15.35
C GLN A 26 18.86 -6.59 -16.75
N ARG A 27 18.04 -7.13 -17.64
CA ARG A 27 17.95 -6.56 -18.98
C ARG A 27 17.36 -5.16 -18.94
N LEU A 28 16.32 -4.97 -18.13
CA LEU A 28 15.68 -3.66 -18.02
C LEU A 28 16.63 -2.60 -17.49
N ALA A 29 17.55 -2.98 -16.61
CA ALA A 29 18.46 -1.99 -16.05
C ALA A 29 19.42 -1.42 -17.10
N LEU A 30 19.66 -2.16 -18.18
CA LEU A 30 20.50 -1.65 -19.26
C LEU A 30 19.77 -0.61 -20.10
N ALA A 31 18.47 -0.34 -19.83
CA ALA A 31 17.78 0.72 -20.55
C ALA A 31 18.28 2.09 -20.16
N GLU A 32 18.78 2.25 -18.94
CA GLU A 32 19.35 3.54 -18.55
C GLU A 32 20.55 3.90 -19.43
N PRO A 33 21.59 3.06 -19.56
CA PRO A 33 22.69 3.44 -20.47
C PRO A 33 22.28 3.51 -21.94
N VAL A 34 21.29 2.74 -22.38
CA VAL A 34 20.75 2.94 -23.73
C VAL A 34 20.17 4.35 -23.83
N ALA A 35 19.30 4.71 -22.87
CA ALA A 35 18.68 6.03 -22.88
C ALA A 35 19.74 7.12 -22.84
N HIS A 36 20.71 6.98 -21.94
CA HIS A 36 21.79 7.94 -21.80
C HIS A 36 22.56 8.13 -23.13
N TRP A 37 22.91 7.03 -23.78
CA TRP A 37 23.57 7.15 -25.08
C TRP A 37 22.68 7.85 -26.12
N LYS A 38 21.39 7.49 -26.16
CA LYS A 38 20.48 8.12 -27.12
C LYS A 38 20.22 9.59 -26.80
N TRP A 39 20.24 9.96 -25.52
CA TRP A 39 20.08 11.35 -25.12
C TRP A 39 21.21 12.22 -25.63
N ILE A 40 22.45 11.70 -25.58
CA ILE A 40 23.58 12.45 -26.10
C ILE A 40 23.56 12.49 -27.63
N ASN A 41 23.25 11.35 -28.24
CA ASN A 41 23.35 11.22 -29.69
C ASN A 41 22.06 11.57 -30.41
N ARG A 42 20.99 11.87 -29.68
CA ARG A 42 19.70 12.27 -30.26
C ARG A 42 19.19 11.19 -31.20
N LYS A 43 19.40 9.93 -30.85
CA LYS A 43 18.81 8.85 -31.63
C LYS A 43 17.44 8.48 -31.06
N PRO A 44 16.46 8.13 -31.88
CA PRO A 44 15.12 7.85 -31.34
C PRO A 44 15.08 6.60 -30.48
N ILE A 45 14.26 6.67 -29.44
CA ILE A 45 14.06 5.52 -28.56
C ILE A 45 13.54 4.34 -29.36
N SER A 46 12.62 4.59 -30.28
CA SER A 46 12.05 3.53 -31.09
C SER A 46 12.96 3.26 -32.29
N ASP A 47 13.25 1.99 -32.53
CA ASP A 47 14.12 1.56 -33.63
C ASP A 47 13.50 0.36 -34.31
N PRO A 48 12.48 0.59 -35.17
CA PRO A 48 11.68 -0.52 -35.76
C PRO A 48 12.53 -1.61 -36.40
N PRO A 49 13.51 -1.28 -37.25
CA PRO A 49 14.26 -2.37 -37.89
C PRO A 49 15.11 -3.17 -36.91
N ARG A 50 15.66 -2.54 -35.87
CA ARG A 50 16.43 -3.31 -34.89
C ARG A 50 15.51 -4.18 -34.04
N GLU A 51 14.34 -3.67 -33.68
CA GLU A 51 13.37 -4.46 -32.91
C GLU A 51 12.92 -5.67 -33.69
N ALA A 52 12.49 -5.46 -34.93
CA ALA A 52 11.99 -6.55 -35.77
C ALA A 52 13.06 -7.62 -35.99
N ALA A 53 14.32 -7.18 -36.10
CA ALA A 53 15.41 -8.14 -36.22
C ALA A 53 15.54 -8.95 -34.94
N LEU A 54 15.50 -8.29 -33.78
CA LEU A 54 15.59 -9.00 -32.53
C LEU A 54 14.49 -10.05 -32.41
N LEU A 55 13.25 -9.68 -32.73
CA LEU A 55 12.14 -10.61 -32.57
C LEU A 55 12.26 -11.77 -33.55
N THR A 56 12.78 -11.52 -34.76
CA THR A 56 13.03 -12.62 -35.68
C THR A 56 14.03 -13.59 -35.08
N ASP A 57 15.14 -13.07 -34.55
CA ASP A 57 16.12 -13.92 -33.90
C ASP A 57 15.52 -14.68 -32.72
N VAL A 58 14.66 -14.01 -31.94
CA VAL A 58 14.05 -14.67 -30.79
C VAL A 58 13.22 -15.87 -31.23
N GLU A 59 12.50 -15.72 -32.35
CA GLU A 59 11.67 -16.83 -32.81
C GLU A 59 12.54 -18.01 -33.21
N LYS A 60 13.68 -17.75 -33.87
CA LYS A 60 14.57 -18.84 -34.28
C LYS A 60 15.25 -19.49 -33.08
N ARG A 61 15.67 -18.70 -32.09
CA ARG A 61 16.29 -19.30 -30.91
C ARG A 61 15.29 -20.09 -30.07
N ALA A 62 14.04 -19.61 -29.98
CA ALA A 62 13.03 -20.32 -29.22
C ALA A 62 12.85 -21.75 -29.76
N THR A 63 12.70 -21.88 -31.07
CA THR A 63 12.57 -23.19 -31.69
C THR A 63 13.72 -24.12 -31.29
N ALA A 64 14.95 -23.61 -31.38
CA ALA A 64 16.11 -24.41 -30.98
C ALA A 64 15.99 -24.88 -29.53
N ASN A 65 15.44 -24.04 -28.65
CA ASN A 65 15.36 -24.37 -27.23
C ASN A 65 14.05 -25.02 -26.81
N GLY A 66 13.21 -25.43 -27.76
CA GLY A 66 11.97 -26.09 -27.41
C GLY A 66 10.87 -25.20 -26.85
N VAL A 67 11.01 -23.87 -26.95
CA VAL A 67 9.99 -22.93 -26.49
C VAL A 67 9.08 -22.58 -27.66
N ASP A 68 7.78 -22.48 -27.38
CA ASP A 68 6.80 -22.04 -28.38
C ASP A 68 7.19 -20.68 -28.97
N PRO A 69 7.41 -20.58 -30.29
CA PRO A 69 7.94 -19.32 -30.84
C PRO A 69 7.08 -18.11 -30.54
N ALA A 70 5.75 -18.26 -30.54
CA ALA A 70 4.89 -17.11 -30.29
C ALA A 70 4.97 -16.66 -28.83
N TYR A 71 5.09 -17.63 -27.91
CA TYR A 71 5.27 -17.31 -26.51
C TYR A 71 6.56 -16.53 -26.28
N ALA A 72 7.65 -16.95 -26.91
CA ALA A 72 8.90 -16.21 -26.77
C ALA A 72 8.81 -14.85 -27.44
N ARG A 73 8.20 -14.78 -28.62
CA ARG A 73 8.10 -13.50 -29.32
C ARG A 73 7.31 -12.49 -28.49
N THR A 74 6.13 -12.89 -28.02
CA THR A 74 5.34 -12.02 -27.18
C THR A 74 6.13 -11.56 -25.95
N PHE A 75 6.83 -12.49 -25.29
CA PHE A 75 7.64 -12.12 -24.14
C PHE A 75 8.67 -11.07 -24.51
N PHE A 76 9.25 -11.15 -25.71
CA PHE A 76 10.23 -10.15 -26.08
C PHE A 76 9.59 -8.88 -26.60
N ASP A 77 8.39 -8.96 -27.20
CA ASP A 77 7.58 -7.76 -27.38
C ASP A 77 7.49 -6.96 -26.08
N ASP A 78 7.23 -7.67 -24.96
CA ASP A 78 7.12 -7.02 -23.66
C ASP A 78 8.46 -6.48 -23.15
N GLN A 79 9.58 -7.16 -23.45
CA GLN A 79 10.89 -6.64 -23.04
C GLN A 79 11.17 -5.32 -23.73
N ILE A 80 10.92 -5.26 -25.04
CA ILE A 80 11.05 -4.03 -25.82
C ILE A 80 10.14 -2.93 -25.28
N ALA A 81 8.84 -3.24 -25.12
CA ALA A 81 7.90 -2.25 -24.57
C ALA A 81 8.40 -1.69 -23.24
N ALA A 82 8.89 -2.58 -22.37
CA ALA A 82 9.36 -2.17 -21.04
C ALA A 82 10.59 -1.29 -21.14
N SER A 83 11.53 -1.66 -22.03
CA SER A 83 12.72 -0.84 -22.23
C SER A 83 12.33 0.56 -22.71
N LYS A 84 11.46 0.64 -23.72
CA LYS A 84 11.11 1.94 -24.27
C LYS A 84 10.34 2.79 -23.25
N GLN A 85 9.45 2.16 -22.48
CA GLN A 85 8.77 2.84 -21.40
C GLN A 85 9.77 3.48 -20.44
N LEU A 86 10.73 2.70 -19.96
CA LEU A 86 11.74 3.25 -19.06
C LEU A 86 12.53 4.36 -19.73
N GLN A 87 12.97 4.15 -20.97
CA GLN A 87 13.77 5.17 -21.65
C GLN A 87 12.99 6.47 -21.81
N ASN A 88 11.71 6.38 -22.18
CA ASN A 88 10.91 7.59 -22.28
C ASN A 88 10.75 8.28 -20.94
N ALA A 89 10.58 7.51 -19.86
CA ALA A 89 10.52 8.10 -18.52
C ALA A 89 11.83 8.82 -18.17
N LEU A 90 12.98 8.25 -18.53
CA LEU A 90 14.25 8.91 -18.29
C LEU A 90 14.37 10.19 -19.11
N PHE A 91 14.00 10.14 -20.40
CA PHE A 91 13.98 11.36 -21.22
C PHE A 91 13.12 12.44 -20.59
N ALA A 92 11.92 12.07 -20.12
CA ALA A 92 11.03 13.05 -19.49
C ALA A 92 11.71 13.68 -18.26
N THR A 93 12.41 12.86 -17.48
CA THR A 93 13.14 13.36 -16.31
C THR A 93 14.29 14.28 -16.72
N TRP A 94 15.07 13.86 -17.72
CA TRP A 94 16.20 14.67 -18.16
C TRP A 94 15.75 15.98 -18.82
N ARG A 95 14.61 15.99 -19.52
CA ARG A 95 14.09 17.25 -20.07
C ARG A 95 13.74 18.23 -18.96
N ALA A 96 13.23 17.74 -17.83
CA ALA A 96 12.78 18.61 -16.75
C ALA A 96 13.95 19.32 -16.07
N THR A 97 15.11 18.67 -15.99
CA THR A 97 16.28 19.28 -15.41
C THR A 97 17.35 19.26 -16.48
N HIS A 98 18.32 18.37 -16.36
CA HIS A 98 19.36 18.17 -17.34
C HIS A 98 19.59 16.67 -17.41
N GLY A 99 20.37 16.25 -18.39
CA GLY A 99 20.71 14.86 -18.49
C GLY A 99 21.65 14.43 -17.39
N PRO A 100 22.10 13.19 -17.47
CA PRO A 100 23.09 12.70 -16.51
C PRO A 100 24.39 13.46 -16.65
N GLU A 101 25.08 13.59 -15.52
CA GLU A 101 26.49 13.91 -15.50
C GLU A 101 27.28 12.70 -16.00
N GLY A 102 28.41 12.96 -16.64
CA GLY A 102 29.27 11.89 -17.06
C GLY A 102 28.94 11.37 -18.44
N PRO A 103 29.91 10.72 -19.08
CA PRO A 103 29.71 10.27 -20.46
C PRO A 103 28.88 9.01 -20.53
N ALA A 104 28.21 8.82 -21.67
CA ALA A 104 27.39 7.62 -21.80
C ALA A 104 28.26 6.42 -22.16
N PRO A 105 28.00 5.25 -21.58
CA PRO A 105 28.68 4.03 -22.05
C PRO A 105 28.40 3.80 -23.53
N ASP A 106 29.42 3.37 -24.25
CA ASP A 106 29.26 3.13 -25.68
C ASP A 106 28.19 2.07 -25.96
N LEU A 107 27.20 2.43 -26.77
CA LEU A 107 26.11 1.51 -27.04
C LEU A 107 26.62 0.24 -27.74
N ALA A 108 27.52 0.40 -28.71
CA ALA A 108 27.90 -0.73 -29.57
C ALA A 108 28.83 -1.70 -28.85
N THR A 109 29.81 -1.19 -28.11
CA THR A 109 30.83 -2.07 -27.54
C THR A 109 30.61 -2.35 -26.07
N SER A 110 29.79 -1.56 -25.38
CA SER A 110 29.55 -1.80 -23.97
C SER A 110 28.11 -2.26 -23.70
N THR A 111 27.11 -1.49 -24.10
CA THR A 111 25.76 -1.83 -23.66
C THR A 111 25.15 -2.98 -24.49
N ARG A 112 25.22 -2.88 -25.81
CA ARG A 112 24.55 -3.90 -26.64
C ARG A 112 25.10 -5.32 -26.46
N PRO A 113 26.39 -5.56 -26.24
CA PRO A 113 26.81 -6.95 -25.95
C PRO A 113 26.16 -7.52 -24.70
N GLN A 114 25.92 -6.68 -23.68
CA GLN A 114 25.24 -7.17 -22.49
C GLN A 114 23.79 -7.50 -22.79
N LEU A 115 23.13 -6.66 -23.59
CA LEU A 115 21.77 -6.95 -24.02
C LEU A 115 21.70 -8.25 -24.82
N ASP A 116 22.70 -8.48 -25.69
CA ASP A 116 22.65 -9.66 -26.55
C ASP A 116 22.82 -10.94 -25.74
N ARG A 117 23.76 -10.96 -24.79
CA ARG A 117 23.87 -12.13 -23.91
C ARG A 117 22.55 -12.44 -23.20
N LEU A 118 21.81 -11.41 -22.80
CA LEU A 118 20.60 -11.67 -22.03
C LEU A 118 19.51 -12.31 -22.89
N THR A 119 19.55 -12.11 -24.20
CA THR A 119 18.61 -12.79 -25.08
C THR A 119 18.63 -14.29 -24.84
N GLN A 120 19.82 -14.89 -24.92
CA GLN A 120 19.92 -16.34 -24.72
C GLN A 120 19.56 -16.75 -23.30
N SER A 121 19.98 -15.98 -22.29
CA SER A 121 19.65 -16.34 -20.90
C SER A 121 18.14 -16.26 -20.67
N LEU A 122 17.51 -15.22 -21.20
CA LEU A 122 16.06 -15.07 -21.06
C LEU A 122 15.33 -16.18 -21.78
N ILE A 123 15.78 -16.56 -22.98
CA ILE A 123 15.09 -17.62 -23.69
C ILE A 123 15.21 -18.94 -22.93
N ALA A 124 16.40 -19.22 -22.39
CA ALA A 124 16.56 -20.42 -21.58
C ALA A 124 15.75 -20.34 -20.28
N ALA A 125 15.69 -19.15 -19.67
CA ALA A 125 14.90 -19.00 -18.46
C ALA A 125 13.41 -19.17 -18.75
N LEU A 126 12.94 -18.62 -19.87
CA LEU A 126 11.54 -18.76 -20.25
C LEU A 126 11.18 -20.23 -20.48
N ALA A 127 12.09 -20.98 -21.10
CA ALA A 127 11.86 -22.42 -21.32
C ALA A 127 11.58 -23.14 -20.01
N ARG A 128 12.25 -22.75 -18.92
CA ARG A 128 11.97 -23.42 -17.65
C ARG A 128 10.65 -22.96 -17.05
N VAL A 129 10.17 -21.79 -17.43
CA VAL A 129 8.89 -21.31 -16.91
C VAL A 129 7.71 -21.84 -17.73
N ALA A 130 7.95 -22.24 -18.97
CA ALA A 130 6.89 -22.67 -19.87
C ALA A 130 5.91 -23.68 -19.27
N PRO A 131 6.34 -24.76 -18.59
CA PRO A 131 5.35 -25.74 -18.08
C PRO A 131 4.35 -25.14 -17.10
N LEU A 132 4.60 -23.95 -16.56
CA LEU A 132 3.74 -23.28 -15.60
C LEU A 132 2.79 -22.29 -16.26
N ARG A 133 2.92 -22.11 -17.57
CA ARG A 133 2.28 -20.99 -18.26
C ARG A 133 0.77 -20.97 -18.00
N ASP A 134 0.16 -22.14 -17.99
CA ASP A 134 -1.27 -22.30 -17.77
C ASP A 134 -1.60 -22.83 -16.38
N ALA A 135 -0.63 -22.86 -15.48
CA ALA A 135 -0.93 -23.37 -14.14
C ALA A 135 -1.83 -22.37 -13.41
N PRO A 136 -2.84 -22.85 -12.69
CA PRO A 136 -3.78 -21.93 -12.05
C PRO A 136 -3.13 -20.92 -11.12
N ASP A 137 -2.07 -21.30 -10.40
CA ASP A 137 -1.43 -20.37 -9.48
C ASP A 137 -0.19 -19.69 -10.07
N CYS A 138 0.05 -19.82 -11.37
CA CYS A 138 1.14 -19.07 -11.99
C CYS A 138 1.07 -17.58 -11.70
N PRO A 139 -0.07 -16.90 -11.91
CA PRO A 139 -0.06 -15.44 -11.70
C PRO A 139 0.32 -15.01 -10.30
N SER A 140 -0.16 -15.69 -9.26
CA SER A 140 0.18 -15.28 -7.90
C SER A 140 1.63 -15.60 -7.56
N ARG A 141 2.14 -16.75 -8.01
CA ARG A 141 3.54 -17.07 -7.79
C ARG A 141 4.45 -16.06 -8.50
N LEU A 142 4.13 -15.71 -9.74
CA LEU A 142 4.88 -14.66 -10.44
C LEU A 142 4.83 -13.33 -9.68
N ALA A 143 3.62 -12.91 -9.29
CA ALA A 143 3.48 -11.63 -8.58
C ALA A 143 4.27 -11.64 -7.28
N ARG A 144 4.35 -12.81 -6.64
CA ARG A 144 5.13 -12.95 -5.42
C ARG A 144 6.63 -12.80 -5.69
N SER A 145 7.13 -13.42 -6.77
CA SER A 145 8.54 -13.25 -7.13
C SER A 145 8.86 -11.80 -7.46
N ILE A 146 7.96 -11.14 -8.17
CA ILE A 146 8.19 -9.74 -8.56
C ILE A 146 8.29 -8.86 -7.32
N ALA A 147 7.35 -9.03 -6.39
CA ALA A 147 7.39 -8.25 -5.17
C ALA A 147 8.62 -8.57 -4.34
N ASN A 148 8.96 -9.85 -4.21
CA ASN A 148 10.18 -10.21 -3.49
C ASN A 148 11.38 -9.48 -4.08
N TRP A 149 11.49 -9.50 -5.41
CA TRP A 149 12.64 -8.89 -6.07
C TRP A 149 12.62 -7.38 -5.91
N LYS A 150 11.45 -6.76 -6.03
CA LYS A 150 11.39 -5.31 -5.91
C LYS A 150 11.83 -4.87 -4.54
N THR A 151 11.52 -5.66 -3.52
CA THR A 151 11.91 -5.25 -2.17
C THR A 151 13.40 -5.40 -1.95
N LEU A 152 14.08 -6.25 -2.74
CA LEU A 152 15.54 -6.38 -2.66
C LEU A 152 16.25 -5.23 -3.35
N THR A 153 15.88 -4.98 -4.61
CA THR A 153 16.64 -4.10 -5.49
C THR A 153 16.25 -2.62 -5.35
N ARG A 154 14.96 -2.32 -5.15
CA ARG A 154 14.52 -0.94 -4.85
C ARG A 154 14.89 0.06 -5.96
N TYR A 155 14.58 -0.29 -7.21
CA TYR A 155 14.68 0.67 -8.29
C TYR A 155 13.58 1.72 -8.19
N ASP A 156 13.75 2.80 -8.95
CA ASP A 156 12.76 3.88 -9.00
C ASP A 156 11.44 3.36 -9.59
N SER A 157 10.36 4.11 -9.35
CA SER A 157 9.04 3.62 -9.71
C SER A 157 8.88 3.43 -11.21
N ALA A 158 9.51 4.29 -12.02
CA ALA A 158 9.47 4.09 -13.46
C ALA A 158 10.00 2.71 -13.85
N GLN A 159 11.15 2.34 -13.28
CA GLN A 159 11.73 1.04 -13.63
C GLN A 159 10.90 -0.10 -13.08
N LYS A 160 10.43 0.05 -11.84
CA LYS A 160 9.56 -0.96 -11.24
C LYS A 160 8.27 -1.12 -12.03
N ASP A 161 7.68 -0.02 -12.50
CA ASP A 161 6.50 -0.12 -13.35
C ASP A 161 6.82 -0.85 -14.65
N ALA A 162 7.96 -0.52 -15.27
CA ALA A 162 8.33 -1.17 -16.52
C ALA A 162 8.59 -2.66 -16.32
N LEU A 163 9.09 -3.07 -15.13
CA LEU A 163 9.30 -4.50 -14.91
C LEU A 163 7.98 -5.25 -14.94
N GLY A 164 6.90 -4.62 -14.46
CA GLY A 164 5.58 -5.24 -14.59
C GLY A 164 5.19 -5.42 -16.05
N THR A 165 5.39 -4.38 -16.88
CA THR A 165 5.19 -4.52 -18.31
C THR A 165 5.96 -5.71 -18.87
N ALA A 166 7.23 -5.85 -18.46
CA ALA A 166 8.09 -6.86 -19.04
C ALA A 166 7.63 -8.27 -18.71
N LEU A 167 6.94 -8.45 -17.60
CA LEU A 167 6.51 -9.78 -17.17
C LEU A 167 5.01 -9.98 -17.32
N SER A 168 4.36 -9.22 -18.20
CA SER A 168 2.91 -9.18 -18.22
C SER A 168 2.28 -10.27 -19.08
N HIS A 169 3.07 -11.06 -19.82
CA HIS A 169 2.51 -12.22 -20.54
C HIS A 169 3.28 -13.49 -20.24
N VAL A 170 3.86 -13.59 -19.05
CA VAL A 170 4.51 -14.84 -18.64
C VAL A 170 3.46 -15.90 -18.35
N CYS A 171 2.38 -15.52 -17.66
CA CYS A 171 1.30 -16.44 -17.35
C CYS A 171 0.13 -16.19 -18.30
N ALA A 172 -0.53 -17.27 -18.70
CA ALA A 172 -1.66 -17.15 -19.59
C ALA A 172 -2.70 -16.16 -19.07
N ALA A 173 -3.09 -16.30 -17.81
CA ALA A 173 -4.12 -15.43 -17.23
C ALA A 173 -3.65 -13.97 -17.16
N ASP B 11 -8.15 -14.33 -7.05
CA ASP B 11 -8.65 -15.63 -6.60
C ASP B 11 -7.76 -16.18 -5.49
N GLY B 12 -6.53 -16.58 -5.86
CA GLY B 12 -5.55 -16.97 -4.85
C GLY B 12 -5.16 -15.81 -3.95
N ASP B 13 -5.28 -14.58 -4.46
CA ASP B 13 -5.07 -13.40 -3.64
C ASP B 13 -6.23 -13.14 -2.68
N ASP B 14 -7.43 -13.69 -2.96
CA ASP B 14 -8.48 -13.64 -1.97
C ASP B 14 -8.07 -14.41 -0.72
N THR B 15 -7.39 -15.55 -0.90
CA THR B 15 -6.95 -16.29 0.28
C THR B 15 -5.84 -15.55 1.01
N ALA B 16 -4.99 -14.81 0.30
CA ALA B 16 -3.94 -14.06 0.98
C ALA B 16 -4.54 -13.03 1.93
N LEU B 17 -5.53 -12.27 1.45
CA LEU B 17 -6.22 -11.28 2.28
C LEU B 17 -6.96 -11.95 3.44
N THR B 18 -7.65 -13.07 3.17
CA THR B 18 -8.38 -13.79 4.21
C THR B 18 -7.47 -14.21 5.34
N ASN B 19 -6.31 -14.81 4.98
CA ASN B 19 -5.36 -15.20 6.01
C ASN B 19 -4.87 -14.00 6.81
N LEU B 20 -4.66 -12.87 6.14
CA LEU B 20 -4.21 -11.68 6.88
C LEU B 20 -5.28 -11.21 7.87
N VAL B 21 -6.53 -11.11 7.41
CA VAL B 21 -7.64 -10.74 8.30
C VAL B 21 -7.73 -11.69 9.48
N ALA B 22 -7.67 -13.00 9.21
CA ALA B 22 -7.78 -14.01 10.27
C ALA B 22 -6.68 -13.83 11.31
N LEU B 23 -5.44 -13.59 10.87
CA LEU B 23 -4.36 -13.42 11.82
C LEU B 23 -4.49 -12.10 12.56
N ALA B 24 -4.89 -11.02 11.88
CA ALA B 24 -5.09 -9.75 12.59
C ALA B 24 -6.15 -9.92 13.69
N SER B 25 -7.22 -10.64 13.37
CA SER B 25 -8.25 -10.93 14.37
C SER B 25 -7.67 -11.75 15.50
N GLN B 26 -6.87 -12.78 15.19
CA GLN B 26 -6.25 -13.58 16.24
C GLN B 26 -5.40 -12.71 17.17
N ARG B 27 -4.61 -11.77 16.61
CA ARG B 27 -3.83 -10.89 17.46
C ARG B 27 -4.73 -10.06 18.39
N LEU B 28 -5.80 -9.48 17.84
CA LEU B 28 -6.73 -8.69 18.63
C LEU B 28 -7.44 -9.49 19.70
N ALA B 29 -7.58 -10.80 19.52
CA ALA B 29 -8.15 -11.58 20.61
C ALA B 29 -7.27 -11.55 21.86
N LEU B 30 -5.97 -11.23 21.73
CA LEU B 30 -5.11 -11.13 22.90
C LEU B 30 -5.19 -9.76 23.59
N ALA B 31 -5.92 -8.81 23.03
CA ALA B 31 -6.08 -7.53 23.72
C ALA B 31 -6.81 -7.70 25.05
N GLU B 32 -7.75 -8.64 25.14
CA GLU B 32 -8.47 -8.83 26.39
C GLU B 32 -7.55 -9.27 27.53
N PRO B 33 -6.69 -10.29 27.39
CA PRO B 33 -5.81 -10.62 28.53
C PRO B 33 -4.78 -9.53 28.84
N VAL B 34 -4.31 -8.77 27.83
CA VAL B 34 -3.49 -7.59 28.13
C VAL B 34 -4.28 -6.60 28.98
N ALA B 35 -5.48 -6.23 28.52
CA ALA B 35 -6.32 -5.30 29.27
C ALA B 35 -6.57 -5.82 30.69
N HIS B 36 -6.82 -7.11 30.82
CA HIS B 36 -7.13 -7.68 32.12
C HIS B 36 -5.94 -7.55 33.07
N TRP B 37 -4.73 -7.84 32.60
CA TRP B 37 -3.56 -7.63 33.44
C TRP B 37 -3.39 -6.17 33.80
N LYS B 38 -3.61 -5.28 32.84
CA LYS B 38 -3.41 -3.87 33.12
C LYS B 38 -4.48 -3.31 34.03
N TRP B 39 -5.70 -3.87 33.96
CA TRP B 39 -6.78 -3.46 34.84
C TRP B 39 -6.46 -3.79 36.30
N ILE B 40 -5.87 -4.96 36.54
CA ILE B 40 -5.55 -5.36 37.92
C ILE B 40 -4.39 -4.54 38.45
N ASN B 41 -3.35 -4.33 37.62
CA ASN B 41 -2.11 -3.72 38.07
C ASN B 41 -2.07 -2.21 37.86
N ARG B 42 -3.12 -1.61 37.30
CA ARG B 42 -3.17 -0.16 37.07
C ARG B 42 -1.98 0.32 36.25
N LYS B 43 -1.59 -0.46 35.24
CA LYS B 43 -0.57 0.05 34.35
C LYS B 43 -1.22 0.68 33.12
N PRO B 44 -0.63 1.73 32.57
CA PRO B 44 -1.26 2.42 31.45
C PRO B 44 -1.30 1.56 30.18
N ILE B 45 -2.38 1.73 29.43
CA ILE B 45 -2.52 1.03 28.16
C ILE B 45 -1.40 1.43 27.20
N SER B 46 -1.11 2.72 27.13
CA SER B 46 -0.03 3.24 26.30
C SER B 46 1.33 2.97 26.94
N ASP B 47 2.28 2.46 26.14
CA ASP B 47 3.64 2.18 26.61
C ASP B 47 4.60 2.53 25.47
N PRO B 48 4.93 3.81 25.32
CA PRO B 48 5.61 4.29 24.09
C PRO B 48 6.94 3.60 23.86
N PRO B 49 7.79 3.40 24.87
CA PRO B 49 9.08 2.75 24.57
C PRO B 49 8.92 1.34 24.07
N ARG B 50 7.98 0.57 24.64
CA ARG B 50 7.83 -0.81 24.22
C ARG B 50 7.23 -0.87 22.80
N GLU B 51 6.24 -0.03 22.52
CA GLU B 51 5.68 0.03 21.17
C GLU B 51 6.78 0.37 20.16
N ALA B 52 7.62 1.37 20.47
CA ALA B 52 8.68 1.74 19.55
C ALA B 52 9.65 0.58 19.33
N ALA B 53 9.96 -0.18 20.39
CA ALA B 53 10.86 -1.33 20.24
C ALA B 53 10.26 -2.39 19.32
N LEU B 54 8.95 -2.66 19.46
CA LEU B 54 8.32 -3.61 18.56
C LEU B 54 8.43 -3.16 17.12
N LEU B 55 8.15 -1.88 16.86
CA LEU B 55 8.22 -1.38 15.50
C LEU B 55 9.64 -1.49 14.93
N THR B 56 10.66 -1.18 15.75
CA THR B 56 12.05 -1.37 15.31
C THR B 56 12.31 -2.83 14.97
N ASP B 57 11.85 -3.74 15.83
CA ASP B 57 12.03 -5.17 15.59
C ASP B 57 11.31 -5.61 14.31
N VAL B 58 10.10 -5.08 14.07
CA VAL B 58 9.34 -5.49 12.90
C VAL B 58 10.08 -5.11 11.62
N GLU B 59 10.74 -3.95 11.63
CA GLU B 59 11.51 -3.55 10.45
C GLU B 59 12.57 -4.59 10.11
N LYS B 60 13.29 -5.08 11.13
CA LYS B 60 14.30 -6.10 10.89
C LYS B 60 13.69 -7.42 10.47
N ARG B 61 12.58 -7.83 11.09
CA ARG B 61 12.01 -9.11 10.72
C ARG B 61 11.37 -9.08 9.34
N ALA B 62 10.92 -7.90 8.90
CA ALA B 62 10.34 -7.77 7.57
C ALA B 62 11.39 -7.97 6.49
N THR B 63 12.54 -7.31 6.63
CA THR B 63 13.65 -7.51 5.69
C THR B 63 13.94 -9.00 5.54
N ALA B 64 14.08 -9.70 6.66
CA ALA B 64 14.35 -11.13 6.63
C ALA B 64 13.22 -11.93 5.98
N ASN B 65 12.04 -11.34 5.82
CA ASN B 65 10.92 -12.03 5.19
C ASN B 65 10.59 -11.48 3.81
N GLY B 66 11.43 -10.60 3.25
CA GLY B 66 11.11 -10.05 1.95
C GLY B 66 9.88 -9.17 1.92
N VAL B 67 9.63 -8.44 3.01
CA VAL B 67 8.55 -7.47 3.08
C VAL B 67 9.20 -6.10 3.17
N ASP B 68 8.66 -5.13 2.44
CA ASP B 68 9.08 -3.74 2.60
C ASP B 68 9.00 -3.33 4.07
N PRO B 69 10.08 -2.83 4.66
CA PRO B 69 10.06 -2.54 6.10
C PRO B 69 9.08 -1.43 6.49
N ALA B 70 8.96 -0.39 5.67
CA ALA B 70 8.03 0.68 6.03
C ALA B 70 6.58 0.17 5.98
N TYR B 71 6.27 -0.70 5.03
CA TYR B 71 4.94 -1.27 4.93
C TYR B 71 4.60 -2.10 6.16
N ALA B 72 5.54 -2.98 6.55
CA ALA B 72 5.36 -3.81 7.73
C ALA B 72 5.29 -2.96 9.00
N ARG B 73 6.07 -1.89 9.07
CA ARG B 73 6.05 -1.05 10.27
C ARG B 73 4.73 -0.33 10.42
N THR B 74 4.25 0.28 9.33
CA THR B 74 2.97 0.95 9.39
C THR B 74 1.88 -0.04 9.76
N PHE B 75 1.93 -1.24 9.16
CA PHE B 75 0.97 -2.29 9.50
C PHE B 75 1.00 -2.59 11.00
N PHE B 76 2.19 -2.83 11.58
CA PHE B 76 2.23 -3.13 13.01
C PHE B 76 1.93 -1.92 13.88
N ASP B 77 2.24 -0.71 13.40
CA ASP B 77 1.72 0.48 14.05
C ASP B 77 0.20 0.42 14.17
N ASP B 78 -0.50 -0.07 13.12
CA ASP B 78 -1.96 -0.21 13.18
C ASP B 78 -2.36 -1.36 14.11
N GLN B 79 -1.59 -2.46 14.14
CA GLN B 79 -1.90 -3.53 15.09
C GLN B 79 -1.89 -3.01 16.52
N ILE B 80 -0.90 -2.18 16.83
CA ILE B 80 -0.78 -1.58 18.15
C ILE B 80 -1.93 -0.61 18.42
N ALA B 81 -2.24 0.24 17.44
CA ALA B 81 -3.33 1.20 17.65
C ALA B 81 -4.66 0.46 17.83
N ALA B 82 -4.88 -0.58 17.03
CA ALA B 82 -6.05 -1.44 17.14
C ALA B 82 -6.17 -2.05 18.53
N SER B 83 -5.07 -2.63 19.01
CA SER B 83 -5.06 -3.24 20.34
C SER B 83 -5.39 -2.23 21.42
N LYS B 84 -4.76 -1.06 21.37
CA LYS B 84 -5.03 -0.07 22.42
C LYS B 84 -6.47 0.41 22.37
N GLN B 85 -7.00 0.61 21.17
CA GLN B 85 -8.41 0.98 21.04
C GLN B 85 -9.31 -0.06 21.68
N LEU B 86 -9.01 -1.35 21.48
CA LEU B 86 -9.85 -2.39 22.08
C LEU B 86 -9.64 -2.46 23.59
N GLN B 87 -8.41 -2.31 24.05
CA GLN B 87 -8.16 -2.29 25.49
C GLN B 87 -8.91 -1.15 26.15
N ASN B 88 -8.89 0.02 25.52
CA ASN B 88 -9.63 1.15 26.04
C ASN B 88 -11.14 0.91 26.03
N ALA B 89 -11.67 0.23 25.02
CA ALA B 89 -13.10 -0.08 25.02
C ALA B 89 -13.44 -1.06 26.15
N LEU B 90 -12.59 -2.06 26.37
CA LEU B 90 -12.82 -2.98 27.50
C LEU B 90 -12.79 -2.24 28.84
N PHE B 91 -11.82 -1.34 29.04
CA PHE B 91 -11.78 -0.53 30.26
C PHE B 91 -13.10 0.24 30.46
N ALA B 92 -13.63 0.81 29.37
CA ALA B 92 -14.90 1.53 29.44
C ALA B 92 -16.01 0.61 29.93
N THR B 93 -16.06 -0.60 29.39
CA THR B 93 -17.08 -1.56 29.80
C THR B 93 -16.86 -1.98 31.25
N TRP B 94 -15.62 -2.30 31.61
CA TRP B 94 -15.37 -2.75 32.97
C TRP B 94 -15.66 -1.64 33.98
N ARG B 95 -15.38 -0.40 33.60
CA ARG B 95 -15.72 0.75 34.45
C ARG B 95 -17.20 0.79 34.74
N ALA B 96 -18.03 0.54 33.73
CA ALA B 96 -19.47 0.66 33.88
C ALA B 96 -20.07 -0.55 34.57
N THR B 97 -19.35 -1.66 34.62
CA THR B 97 -19.88 -2.85 35.28
C THR B 97 -18.85 -3.39 36.25
N HIS B 98 -18.02 -4.31 35.79
CA HIS B 98 -16.94 -4.78 36.62
C HIS B 98 -15.90 -5.44 35.73
N GLY B 99 -14.66 -5.44 36.20
CA GLY B 99 -13.59 -6.11 35.50
C GLY B 99 -13.79 -7.61 35.51
N PRO B 100 -13.00 -8.32 34.71
CA PRO B 100 -13.26 -9.75 34.53
C PRO B 100 -12.96 -10.55 35.78
N GLU B 101 -13.69 -11.67 35.92
CA GLU B 101 -13.49 -12.61 37.01
C GLU B 101 -12.21 -13.40 36.79
N GLY B 102 -11.47 -13.65 37.88
CA GLY B 102 -10.34 -14.54 37.85
C GLY B 102 -9.01 -13.84 37.72
N PRO B 103 -7.92 -14.57 37.97
CA PRO B 103 -6.59 -13.96 37.84
C PRO B 103 -6.27 -13.62 36.39
N ALA B 104 -5.58 -12.52 36.22
CA ALA B 104 -5.15 -12.12 34.90
C ALA B 104 -3.98 -13.01 34.46
N PRO B 105 -4.01 -13.49 33.22
CA PRO B 105 -2.84 -14.21 32.69
C PRO B 105 -1.59 -13.33 32.79
N ASP B 106 -0.46 -13.95 33.09
CA ASP B 106 0.75 -13.17 33.28
C ASP B 106 1.18 -12.53 31.96
N LEU B 107 1.26 -11.20 31.96
CA LEU B 107 1.58 -10.50 30.71
C LEU B 107 2.94 -10.92 30.18
N ALA B 108 3.94 -11.01 31.05
CA ALA B 108 5.30 -11.20 30.56
C ALA B 108 5.55 -12.63 30.12
N THR B 109 5.00 -13.62 30.81
CA THR B 109 5.34 -15.01 30.49
C THR B 109 4.25 -15.76 29.73
N SER B 110 3.04 -15.22 29.68
CA SER B 110 1.96 -15.88 28.96
C SER B 110 1.50 -15.07 27.76
N THR B 111 0.93 -13.88 27.97
CA THR B 111 0.31 -13.16 26.88
C THR B 111 1.34 -12.59 25.89
N ARG B 112 2.40 -11.98 26.39
CA ARG B 112 3.38 -11.40 25.48
C ARG B 112 4.04 -12.43 24.59
N PRO B 113 4.49 -13.59 25.07
CA PRO B 113 4.94 -14.64 24.13
C PRO B 113 3.91 -15.00 23.08
N GLN B 114 2.63 -15.14 23.46
CA GLN B 114 1.60 -15.44 22.47
C GLN B 114 1.51 -14.33 21.43
N LEU B 115 1.58 -13.07 21.89
CA LEU B 115 1.62 -11.95 20.96
C LEU B 115 2.84 -12.03 20.06
N ASP B 116 3.99 -12.40 20.61
CA ASP B 116 5.20 -12.40 19.80
C ASP B 116 5.21 -13.53 18.77
N ARG B 117 4.52 -14.65 19.06
CA ARG B 117 4.45 -15.75 18.10
C ARG B 117 3.61 -15.40 16.87
N LEU B 118 2.74 -14.40 16.97
CA LEU B 118 1.97 -13.99 15.81
C LEU B 118 2.71 -13.00 14.93
N THR B 119 3.81 -12.41 15.42
CA THR B 119 4.49 -11.41 14.61
C THR B 119 5.05 -12.03 13.35
N GLN B 120 5.67 -13.22 13.45
CA GLN B 120 6.20 -13.86 12.25
C GLN B 120 5.09 -14.23 11.29
N SER B 121 4.02 -14.85 11.81
CA SER B 121 2.90 -15.23 10.96
C SER B 121 2.32 -14.02 10.25
N LEU B 122 2.17 -12.91 10.96
CA LEU B 122 1.59 -11.72 10.36
C LEU B 122 2.49 -11.14 9.29
N ILE B 123 3.80 -11.13 9.54
CA ILE B 123 4.71 -10.61 8.54
C ILE B 123 4.69 -11.49 7.30
N ALA B 124 4.68 -12.81 7.49
CA ALA B 124 4.61 -13.72 6.35
C ALA B 124 3.32 -13.52 5.56
N ALA B 125 2.18 -13.40 6.26
CA ALA B 125 0.91 -13.18 5.57
C ALA B 125 0.92 -11.84 4.85
N LEU B 126 1.53 -10.82 5.48
CA LEU B 126 1.65 -9.51 4.86
C LEU B 126 2.51 -9.57 3.60
N ALA B 127 3.57 -10.40 3.61
CA ALA B 127 4.40 -10.58 2.42
C ALA B 127 3.57 -11.04 1.24
N ARG B 128 2.64 -11.99 1.46
CA ARG B 128 1.81 -12.51 0.37
C ARG B 128 0.77 -11.51 -0.09
N VAL B 129 0.42 -10.52 0.73
CA VAL B 129 -0.56 -9.51 0.35
C VAL B 129 0.10 -8.32 -0.33
N ALA B 130 1.39 -8.08 -0.09
CA ALA B 130 2.09 -6.93 -0.64
C ALA B 130 1.92 -6.71 -2.14
N PRO B 131 1.90 -7.73 -3.00
CA PRO B 131 1.68 -7.48 -4.45
C PRO B 131 0.36 -6.79 -4.76
N LEU B 132 -0.64 -6.89 -3.89
CA LEU B 132 -1.95 -6.28 -4.11
C LEU B 132 -2.01 -4.85 -3.60
N ARG B 133 -0.98 -4.42 -2.85
CA ARG B 133 -1.05 -3.18 -2.08
C ARG B 133 -1.43 -1.98 -2.94
N ASP B 134 -0.90 -1.92 -4.17
CA ASP B 134 -1.15 -0.77 -5.04
C ASP B 134 -2.21 -1.04 -6.12
N ALA B 135 -2.84 -2.21 -6.12
CA ALA B 135 -3.82 -2.49 -7.16
C ALA B 135 -5.08 -1.67 -6.92
N PRO B 136 -5.67 -1.08 -7.96
CA PRO B 136 -6.87 -0.25 -7.78
C PRO B 136 -8.00 -0.94 -7.04
N ASP B 137 -8.13 -2.26 -7.15
CA ASP B 137 -9.20 -3.01 -6.53
C ASP B 137 -8.87 -3.51 -5.12
N CYS B 138 -7.68 -3.18 -4.58
CA CYS B 138 -7.33 -3.65 -3.23
C CYS B 138 -8.35 -3.26 -2.19
N PRO B 139 -8.74 -1.98 -2.04
CA PRO B 139 -9.67 -1.64 -0.96
C PRO B 139 -10.94 -2.47 -0.98
N SER B 140 -11.52 -2.67 -2.17
CA SER B 140 -12.79 -3.39 -2.28
C SER B 140 -12.61 -4.87 -1.94
N ARG B 141 -11.59 -5.53 -2.48
CA ARG B 141 -11.34 -6.92 -2.11
C ARG B 141 -11.04 -7.04 -0.62
N LEU B 142 -10.26 -6.12 -0.06
CA LEU B 142 -10.01 -6.16 1.38
C LEU B 142 -11.30 -5.94 2.18
N ALA B 143 -12.11 -4.96 1.80
CA ALA B 143 -13.37 -4.74 2.51
C ALA B 143 -14.26 -5.98 2.46
N ARG B 144 -14.34 -6.62 1.29
CA ARG B 144 -15.11 -7.85 1.18
C ARG B 144 -14.54 -8.95 2.10
N SER B 145 -13.21 -9.04 2.18
CA SER B 145 -12.60 -10.03 3.07
C SER B 145 -12.96 -9.75 4.53
N ILE B 146 -12.91 -8.47 4.93
CA ILE B 146 -13.23 -8.10 6.31
C ILE B 146 -14.68 -8.45 6.63
N ALA B 147 -15.62 -8.14 5.72
CA ALA B 147 -17.04 -8.36 6.00
C ALA B 147 -17.36 -9.85 6.05
N ASN B 148 -16.74 -10.62 5.16
CA ASN B 148 -16.87 -12.08 5.20
C ASN B 148 -16.45 -12.64 6.56
N TRP B 149 -15.35 -12.11 7.14
CA TRP B 149 -14.87 -12.55 8.44
C TRP B 149 -15.79 -12.09 9.56
N LYS B 150 -16.25 -10.83 9.51
CA LYS B 150 -17.09 -10.32 10.59
C LYS B 150 -18.37 -11.13 10.73
N THR B 151 -18.97 -11.53 9.60
CA THR B 151 -20.25 -12.25 9.66
C THR B 151 -20.11 -13.71 10.08
N LEU B 152 -18.89 -14.26 10.01
CA LEU B 152 -18.54 -15.52 10.66
C LEU B 152 -18.56 -15.38 12.17
N THR B 153 -17.51 -14.71 12.64
CA THR B 153 -17.12 -14.69 14.05
C THR B 153 -18.18 -13.98 14.89
N ARG B 154 -18.81 -12.93 14.35
CA ARG B 154 -19.90 -12.21 14.99
C ARG B 154 -19.50 -11.67 16.37
N TYR B 155 -18.23 -11.26 16.51
CA TYR B 155 -17.69 -10.78 17.78
C TYR B 155 -18.26 -9.40 18.12
N ASP B 156 -17.84 -8.87 19.28
CA ASP B 156 -18.35 -7.59 19.75
C ASP B 156 -17.96 -6.48 18.78
N SER B 157 -18.89 -5.54 18.58
CA SER B 157 -18.61 -4.43 17.68
C SER B 157 -17.32 -3.71 18.06
N ALA B 158 -16.96 -3.73 19.35
CA ALA B 158 -15.72 -3.11 19.80
C ALA B 158 -14.53 -3.75 19.11
N GLN B 159 -14.41 -5.08 19.24
CA GLN B 159 -13.33 -5.79 18.59
C GLN B 159 -13.42 -5.65 17.07
N LYS B 160 -14.64 -5.64 16.52
CA LYS B 160 -14.80 -5.52 15.08
C LYS B 160 -14.42 -4.13 14.60
N ASP B 161 -14.72 -3.09 15.39
CA ASP B 161 -14.23 -1.75 15.05
C ASP B 161 -12.70 -1.73 15.05
N ALA B 162 -12.08 -2.30 16.09
CA ALA B 162 -10.63 -2.32 16.11
C ALA B 162 -10.06 -3.12 14.95
N LEU B 163 -10.78 -4.12 14.45
CA LEU B 163 -10.25 -4.87 13.32
C LEU B 163 -10.11 -3.99 12.10
N GLY B 164 -11.07 -3.08 11.90
CA GLY B 164 -10.95 -2.11 10.82
C GLY B 164 -9.72 -1.23 10.97
N THR B 165 -9.48 -0.72 12.19
CA THR B 165 -8.25 0.05 12.42
C THR B 165 -7.00 -0.78 12.06
N ALA B 166 -6.97 -2.05 12.45
CA ALA B 166 -5.79 -2.90 12.24
C ALA B 166 -5.46 -3.06 10.75
N LEU B 167 -6.46 -3.00 9.89
CA LEU B 167 -6.27 -3.29 8.47
C LEU B 167 -6.28 -2.01 7.64
N SER B 168 -6.21 -0.84 8.29
CA SER B 168 -6.47 0.44 7.63
C SER B 168 -5.34 0.90 6.70
N HIS B 169 -4.18 0.23 6.65
CA HIS B 169 -3.12 0.60 5.71
C HIS B 169 -2.60 -0.60 4.95
N VAL B 170 -3.41 -1.65 4.78
CA VAL B 170 -3.03 -2.76 3.92
C VAL B 170 -2.97 -2.31 2.46
N CYS B 171 -3.88 -1.43 2.06
CA CYS B 171 -3.91 -0.84 0.73
C CYS B 171 -3.37 0.59 0.78
N ALA B 172 -2.68 0.99 -0.27
CA ALA B 172 -2.11 2.33 -0.31
C ALA B 172 -3.16 3.38 -0.70
N ASP C 13 -13.84 -17.76 -3.89
CA ASP C 13 -14.13 -18.48 -2.67
C ASP C 13 -13.42 -19.83 -2.64
N ASP C 14 -12.11 -19.79 -2.46
CA ASP C 14 -11.49 -20.81 -1.64
C ASP C 14 -11.39 -20.31 -0.21
N THR C 15 -12.04 -19.18 0.07
CA THR C 15 -11.91 -18.59 1.38
C THR C 15 -12.67 -19.37 2.42
N ALA C 16 -13.68 -20.16 2.04
CA ALA C 16 -14.39 -20.96 3.05
C ALA C 16 -13.43 -21.94 3.73
N LEU C 17 -12.67 -22.72 2.94
CA LEU C 17 -11.72 -23.65 3.54
C LEU C 17 -10.61 -22.91 4.28
N THR C 18 -10.14 -21.81 3.69
CA THR C 18 -9.10 -21.00 4.30
C THR C 18 -9.51 -20.50 5.69
N ASN C 19 -10.73 -19.98 5.82
CA ASN C 19 -11.18 -19.50 7.11
C ASN C 19 -11.33 -20.64 8.12
N LEU C 20 -11.85 -21.80 7.69
CA LEU C 20 -11.96 -22.95 8.58
C LEU C 20 -10.59 -23.40 9.08
N VAL C 21 -9.61 -23.50 8.18
CA VAL C 21 -8.25 -23.85 8.59
C VAL C 21 -7.71 -22.86 9.62
N ALA C 22 -7.88 -21.55 9.36
CA ALA C 22 -7.36 -20.55 10.29
C ALA C 22 -8.01 -20.66 11.67
N LEU C 23 -9.32 -20.91 11.71
CA LEU C 23 -9.98 -20.97 13.01
C LEU C 23 -9.63 -22.25 13.75
N ALA C 24 -9.47 -23.37 13.04
CA ALA C 24 -9.07 -24.59 13.73
C ALA C 24 -7.67 -24.47 14.31
N SER C 25 -6.77 -23.79 13.59
CA SER C 25 -5.43 -23.51 14.09
C SER C 25 -5.50 -22.63 15.34
N GLN C 26 -6.30 -21.56 15.30
CA GLN C 26 -6.52 -20.68 16.44
C GLN C 26 -7.04 -21.44 17.66
N ARG C 27 -8.00 -22.36 17.47
CA ARG C 27 -8.49 -23.12 18.60
C ARG C 27 -7.41 -24.06 19.12
N LEU C 28 -6.68 -24.70 18.20
CA LEU C 28 -5.62 -25.60 18.59
C LEU C 28 -4.51 -24.87 19.36
N ALA C 29 -4.25 -23.60 19.06
CA ALA C 29 -3.24 -22.88 19.82
C ALA C 29 -3.60 -22.75 21.29
N LEU C 30 -4.88 -22.85 21.65
CA LEU C 30 -5.24 -22.76 23.06
C LEU C 30 -4.91 -24.04 23.82
N ALA C 31 -4.54 -25.10 23.12
CA ALA C 31 -4.14 -26.33 23.80
C ALA C 31 -2.88 -26.14 24.63
N GLU C 32 -2.01 -25.20 24.24
CA GLU C 32 -0.80 -24.95 25.01
C GLU C 32 -1.10 -24.39 26.39
N PRO C 33 -1.93 -23.35 26.56
CA PRO C 33 -2.23 -22.92 27.94
C PRO C 33 -3.09 -23.90 28.71
N VAL C 34 -3.97 -24.66 28.04
CA VAL C 34 -4.63 -25.79 28.70
C VAL C 34 -3.58 -26.75 29.28
N ALA C 35 -2.65 -27.19 28.44
CA ALA C 35 -1.60 -28.11 28.89
C ALA C 35 -0.81 -27.50 30.03
N HIS C 36 -0.46 -26.23 29.92
CA HIS C 36 0.31 -25.55 30.95
C HIS C 36 -0.40 -25.64 32.30
N TRP C 37 -1.70 -25.33 32.32
CA TRP C 37 -2.48 -25.39 33.55
C TRP C 37 -2.57 -26.82 34.08
N LYS C 38 -2.81 -27.78 33.19
CA LYS C 38 -2.86 -29.17 33.63
C LYS C 38 -1.52 -29.67 34.13
N TRP C 39 -0.43 -29.19 33.52
CA TRP C 39 0.91 -29.60 33.97
C TRP C 39 1.17 -29.08 35.39
N ILE C 40 0.73 -27.86 35.70
CA ILE C 40 0.99 -27.33 37.03
C ILE C 40 0.07 -27.99 38.05
N ASN C 41 -1.19 -28.20 37.69
CA ASN C 41 -2.18 -28.68 38.63
C ASN C 41 -2.34 -30.18 38.62
N ARG C 42 -1.56 -30.90 37.81
CA ARG C 42 -1.65 -32.37 37.70
C ARG C 42 -3.10 -32.81 37.44
N LYS C 43 -3.72 -32.18 36.47
CA LYS C 43 -5.05 -32.68 36.11
C LYS C 43 -4.97 -33.50 34.83
N PRO C 44 -5.83 -34.51 34.66
CA PRO C 44 -5.69 -35.39 33.50
C PRO C 44 -6.01 -34.64 32.21
N ILE C 45 -5.30 -35.01 31.15
CA ILE C 45 -5.59 -34.39 29.85
C ILE C 45 -6.98 -34.76 29.38
N SER C 46 -7.40 -36.00 29.62
CA SER C 46 -8.75 -36.43 29.29
C SER C 46 -9.74 -35.96 30.35
N ASP C 47 -10.82 -35.31 29.92
CA ASP C 47 -11.90 -34.85 30.82
C ASP C 47 -13.22 -35.24 30.19
N PRO C 48 -13.68 -36.47 30.42
CA PRO C 48 -14.86 -37.01 29.72
C PRO C 48 -16.13 -36.17 29.94
N PRO C 49 -16.44 -35.72 31.17
CA PRO C 49 -17.64 -34.89 31.33
C PRO C 49 -17.58 -33.59 30.56
N ARG C 50 -16.42 -32.93 30.52
CA ARG C 50 -16.31 -31.69 29.76
C ARG C 50 -16.45 -31.95 28.26
N GLU C 51 -15.87 -33.04 27.76
CA GLU C 51 -15.97 -33.34 26.34
C GLU C 51 -17.42 -33.63 25.95
N ALA C 52 -18.12 -34.40 26.77
CA ALA C 52 -19.52 -34.72 26.47
C ALA C 52 -20.36 -33.47 26.44
N ALA C 53 -20.11 -32.54 27.36
CA ALA C 53 -20.89 -31.29 27.39
C ALA C 53 -20.61 -30.44 26.16
N LEU C 54 -19.34 -30.38 25.73
CA LEU C 54 -18.99 -29.62 24.54
C LEU C 54 -19.69 -30.18 23.30
N LEU C 55 -19.69 -31.50 23.15
CA LEU C 55 -20.22 -32.10 21.92
C LEU C 55 -21.74 -31.99 21.87
N THR C 56 -22.39 -32.07 23.04
CA THR C 56 -23.83 -31.82 23.09
C THR C 56 -24.15 -30.39 22.70
N ASP C 57 -23.38 -29.43 23.22
CA ASP C 57 -23.58 -28.04 22.83
C ASP C 57 -23.32 -27.83 21.34
N VAL C 58 -22.32 -28.54 20.79
CA VAL C 58 -22.00 -28.40 19.37
C VAL C 58 -23.19 -28.84 18.52
N GLU C 59 -23.85 -29.92 18.94
CA GLU C 59 -24.96 -30.43 18.15
C GLU C 59 -26.14 -29.46 18.21
N LYS C 60 -26.41 -28.89 19.38
CA LYS C 60 -27.44 -27.85 19.49
C LYS C 60 -27.09 -26.65 18.60
N ARG C 61 -25.82 -26.22 18.61
CA ARG C 61 -25.44 -25.06 17.79
C ARG C 61 -25.51 -25.37 16.31
N ALA C 62 -25.05 -26.55 15.90
CA ALA C 62 -25.13 -26.89 14.47
C ALA C 62 -26.58 -26.87 14.00
N THR C 63 -27.46 -27.55 14.73
CA THR C 63 -28.88 -27.55 14.38
C THR C 63 -29.41 -26.14 14.25
N ALA C 64 -29.12 -25.28 15.22
CA ALA C 64 -29.61 -23.91 15.14
C ALA C 64 -29.00 -23.14 13.97
N ASN C 65 -27.87 -23.59 13.41
CA ASN C 65 -27.22 -22.91 12.31
C ASN C 65 -27.36 -23.65 10.99
N GLY C 66 -28.21 -24.67 10.91
CA GLY C 66 -28.44 -25.33 9.63
C GLY C 66 -27.32 -26.25 9.19
N VAL C 67 -26.45 -26.63 10.12
CA VAL C 67 -25.36 -27.56 9.85
C VAL C 67 -25.79 -28.94 10.32
N ASP C 68 -25.59 -29.94 9.47
CA ASP C 68 -25.81 -31.34 9.83
C ASP C 68 -25.10 -31.66 11.16
N PRO C 69 -25.84 -32.10 12.18
CA PRO C 69 -25.21 -32.25 13.51
C PRO C 69 -24.17 -33.36 13.57
N ALA C 70 -24.30 -34.39 12.74
CA ALA C 70 -23.30 -35.44 12.74
C ALA C 70 -21.99 -34.96 12.15
N TYR C 71 -22.07 -34.11 11.11
CA TYR C 71 -20.87 -33.50 10.55
C TYR C 71 -20.19 -32.61 11.58
N ALA C 72 -20.98 -31.77 12.25
CA ALA C 72 -20.44 -30.95 13.33
C ALA C 72 -19.82 -31.82 14.43
N ARG C 73 -20.52 -32.88 14.85
CA ARG C 73 -19.99 -33.71 15.93
C ARG C 73 -18.70 -34.40 15.52
N THR C 74 -18.62 -34.87 14.28
CA THR C 74 -17.38 -35.48 13.82
C THR C 74 -16.25 -34.45 13.82
N PHE C 75 -16.52 -33.25 13.28
CA PHE C 75 -15.50 -32.20 13.27
C PHE C 75 -15.00 -31.89 14.67
N PHE C 76 -15.92 -31.74 15.63
CA PHE C 76 -15.47 -31.38 16.97
C PHE C 76 -14.89 -32.58 17.73
N ASP C 77 -15.27 -33.82 17.42
CA ASP C 77 -14.47 -34.98 17.84
C ASP C 77 -13.01 -34.79 17.44
N ASP C 78 -12.81 -34.35 16.20
CA ASP C 78 -11.45 -34.16 15.70
C ASP C 78 -10.74 -32.99 16.36
N GLN C 79 -11.47 -31.92 16.74
CA GLN C 79 -10.84 -30.79 17.45
C GLN C 79 -10.34 -31.23 18.82
N ILE C 80 -11.14 -32.04 19.51
CA ILE C 80 -10.76 -32.58 20.80
C ILE C 80 -9.57 -33.52 20.66
N ALA C 81 -9.63 -34.42 19.69
CA ALA C 81 -8.52 -35.37 19.52
C ALA C 81 -7.24 -34.63 19.20
N ALA C 82 -7.34 -33.57 18.39
CA ALA C 82 -6.20 -32.74 18.03
C ALA C 82 -5.63 -32.03 19.25
N SER C 83 -6.51 -31.43 20.06
CA SER C 83 -6.05 -30.78 21.26
C SER C 83 -5.36 -31.76 22.21
N LYS C 84 -5.97 -32.92 22.46
CA LYS C 84 -5.34 -33.92 23.35
C LYS C 84 -3.99 -34.38 22.81
N GLN C 85 -3.90 -34.56 21.50
CA GLN C 85 -2.65 -35.00 20.91
C GLN C 85 -1.57 -33.95 21.14
N LEU C 86 -1.91 -32.66 20.98
CA LEU C 86 -0.95 -31.59 21.24
C LEU C 86 -0.61 -31.49 22.72
N GLN C 87 -1.60 -31.64 23.61
CA GLN C 87 -1.31 -31.58 25.04
C GLN C 87 -0.35 -32.70 25.46
N ASN C 88 -0.58 -33.92 24.97
CA ASN C 88 0.31 -35.02 25.30
C ASN C 88 1.71 -34.79 24.77
N ALA C 89 1.83 -34.22 23.57
CA ALA C 89 3.16 -33.94 23.02
C ALA C 89 3.91 -32.93 23.87
N LEU C 90 3.21 -31.87 24.32
CA LEU C 90 3.84 -30.89 25.20
C LEU C 90 4.25 -31.53 26.52
N PHE C 91 3.36 -32.36 27.08
CA PHE C 91 3.74 -33.12 28.27
C PHE C 91 5.02 -33.91 28.04
N ALA C 92 5.13 -34.57 26.88
CA ALA C 92 6.33 -35.38 26.65
C ALA C 92 7.57 -34.49 26.56
N THR C 93 7.45 -33.33 25.91
CA THR C 93 8.55 -32.38 25.84
C THR C 93 8.94 -31.88 27.22
N TRP C 94 7.94 -31.50 28.01
CA TRP C 94 8.17 -30.98 29.35
C TRP C 94 8.77 -32.04 30.27
N ARG C 95 8.43 -33.33 30.08
CA ARG C 95 9.02 -34.39 30.88
C ARG C 95 10.50 -34.53 30.61
N ALA C 96 10.90 -34.42 29.33
CA ALA C 96 12.27 -34.67 28.95
C ALA C 96 13.16 -33.46 29.18
N THR C 97 12.58 -32.27 29.25
CA THR C 97 13.36 -31.09 29.61
C THR C 97 12.79 -30.51 30.89
N HIS C 98 12.24 -29.30 30.82
CA HIS C 98 11.59 -28.66 31.95
C HIS C 98 10.21 -28.19 31.52
N GLY C 99 9.37 -27.94 32.51
CA GLY C 99 8.06 -27.40 32.24
C GLY C 99 8.12 -25.95 31.82
N PRO C 100 6.99 -25.41 31.39
CA PRO C 100 6.97 -24.04 30.91
C PRO C 100 7.10 -23.03 32.04
N GLU C 101 7.47 -21.82 31.65
CA GLU C 101 7.83 -20.73 32.54
C GLU C 101 6.58 -19.99 33.03
N GLY C 102 6.55 -19.67 34.32
CA GLY C 102 5.58 -18.77 34.88
C GLY C 102 4.23 -19.42 35.14
N PRO C 103 3.31 -18.65 35.73
CA PRO C 103 2.00 -19.21 36.07
C PRO C 103 1.17 -19.46 34.82
N ALA C 104 0.46 -20.57 34.82
CA ALA C 104 -0.40 -20.87 33.69
C ALA C 104 -1.66 -20.02 33.77
N PRO C 105 -2.20 -19.60 32.63
CA PRO C 105 -3.51 -18.91 32.65
C PRO C 105 -4.55 -19.81 33.28
N ASP C 106 -5.47 -19.20 34.01
CA ASP C 106 -6.49 -19.98 34.71
C ASP C 106 -7.37 -20.70 33.71
N LEU C 107 -7.43 -22.02 33.81
CA LEU C 107 -8.19 -22.81 32.85
C LEU C 107 -9.66 -22.38 32.85
N ALA C 108 -10.26 -22.28 34.03
CA ALA C 108 -11.70 -22.09 34.13
C ALA C 108 -12.12 -20.72 33.60
N THR C 109 -11.41 -19.67 33.98
CA THR C 109 -11.89 -18.32 33.74
C THR C 109 -11.12 -17.59 32.65
N SER C 110 -10.04 -18.16 32.14
CA SER C 110 -9.32 -17.51 31.06
C SER C 110 -9.31 -18.34 29.79
N THR C 111 -8.79 -19.56 29.83
CA THR C 111 -8.59 -20.35 28.62
C THR C 111 -9.91 -20.96 28.10
N ARG C 112 -10.72 -21.57 28.97
CA ARG C 112 -11.99 -22.14 28.50
C ARG C 112 -12.93 -21.13 27.89
N PRO C 113 -13.14 -19.92 28.44
CA PRO C 113 -13.95 -18.92 27.72
C PRO C 113 -13.42 -18.62 26.33
N GLN C 114 -12.09 -18.59 26.15
CA GLN C 114 -11.55 -18.37 24.81
C GLN C 114 -11.82 -19.55 23.90
N LEU C 115 -11.67 -20.78 24.40
CA LEU C 115 -12.05 -21.95 23.60
C LEU C 115 -13.54 -21.88 23.23
N ASP C 116 -14.39 -21.53 24.20
CA ASP C 116 -15.83 -21.55 23.98
C ASP C 116 -16.27 -20.52 22.94
N ARG C 117 -15.69 -19.31 22.98
CA ARG C 117 -16.06 -18.32 21.98
C ARG C 117 -15.69 -18.75 20.56
N LEU C 118 -14.70 -19.63 20.41
CA LEU C 118 -14.42 -20.09 19.04
C LEU C 118 -15.44 -21.09 18.52
N THR C 119 -16.28 -21.68 19.37
CA THR C 119 -17.22 -22.69 18.89
C THR C 119 -18.19 -22.08 17.89
N GLN C 120 -18.72 -20.88 18.22
CA GLN C 120 -19.64 -20.20 17.30
C GLN C 120 -18.99 -20.00 15.93
N SER C 121 -17.76 -19.49 15.92
CA SER C 121 -17.09 -19.18 14.66
C SER C 121 -16.78 -20.45 13.87
N LEU C 122 -16.38 -21.51 14.57
CA LEU C 122 -16.08 -22.77 13.90
C LEU C 122 -17.33 -23.36 13.25
N ILE C 123 -18.45 -23.35 13.98
CA ILE C 123 -19.71 -23.84 13.43
C ILE C 123 -20.08 -23.02 12.21
N ALA C 124 -19.98 -21.69 12.32
CA ALA C 124 -20.32 -20.83 11.18
C ALA C 124 -19.39 -21.09 10.00
N ALA C 125 -18.08 -21.25 10.26
CA ALA C 125 -17.16 -21.54 9.17
C ALA C 125 -17.46 -22.89 8.54
N LEU C 126 -17.83 -23.88 9.37
CA LEU C 126 -18.10 -25.20 8.83
C LEU C 126 -19.38 -25.21 8.00
N ALA C 127 -20.37 -24.39 8.36
CA ALA C 127 -21.55 -24.23 7.52
C ALA C 127 -21.15 -23.81 6.10
N ARG C 128 -20.19 -22.89 5.98
CA ARG C 128 -19.77 -22.44 4.66
C ARG C 128 -18.98 -23.50 3.88
N VAL C 129 -18.36 -24.45 4.58
CA VAL C 129 -17.62 -25.51 3.89
C VAL C 129 -18.52 -26.69 3.54
N ALA C 130 -19.56 -26.94 4.33
CA ALA C 130 -20.40 -28.13 4.12
C ALA C 130 -20.81 -28.37 2.67
N PRO C 131 -21.21 -27.37 1.87
CA PRO C 131 -21.58 -27.67 0.47
C PRO C 131 -20.47 -28.34 -0.32
N LEU C 132 -19.22 -28.01 -0.02
CA LEU C 132 -18.08 -28.53 -0.75
C LEU C 132 -17.64 -29.90 -0.26
N ARG C 133 -18.20 -30.40 0.84
CA ARG C 133 -17.56 -31.52 1.51
C ARG C 133 -17.59 -32.80 0.70
N ASP C 134 -18.58 -32.96 -0.18
CA ASP C 134 -18.68 -34.17 -0.98
C ASP C 134 -18.19 -33.98 -2.41
N ALA C 135 -17.63 -32.79 -2.73
CA ALA C 135 -17.24 -32.42 -4.10
C ALA C 135 -15.91 -33.07 -4.48
N PRO C 136 -15.67 -33.29 -5.77
CA PRO C 136 -14.44 -33.97 -6.17
C PRO C 136 -13.18 -33.17 -5.87
N ASP C 137 -13.26 -31.85 -5.82
CA ASP C 137 -12.06 -31.06 -5.59
C ASP C 137 -11.87 -30.70 -4.13
N CYS C 138 -12.74 -31.16 -3.24
CA CYS C 138 -12.56 -30.85 -1.82
C CYS C 138 -11.20 -31.28 -1.29
N PRO C 139 -10.75 -32.53 -1.48
CA PRO C 139 -9.47 -32.92 -0.85
C PRO C 139 -8.28 -32.10 -1.33
N SER C 140 -8.20 -31.78 -2.62
CA SER C 140 -7.05 -31.00 -3.08
C SER C 140 -7.12 -29.55 -2.58
N ARG C 141 -8.31 -28.94 -2.58
CA ARG C 141 -8.42 -27.58 -2.09
C ARG C 141 -8.12 -27.51 -0.59
N LEU C 142 -8.66 -28.45 0.19
CA LEU C 142 -8.32 -28.50 1.60
C LEU C 142 -6.80 -28.69 1.80
N ALA C 143 -6.22 -29.63 1.06
CA ALA C 143 -4.79 -29.88 1.21
C ALA C 143 -3.98 -28.64 0.86
N ARG C 144 -4.41 -27.89 -0.16
CA ARG C 144 -3.74 -26.66 -0.53
C ARG C 144 -3.83 -25.63 0.60
N SER C 145 -5.03 -25.48 1.16
CA SER C 145 -5.26 -24.56 2.28
C SER C 145 -4.33 -24.85 3.45
N ILE C 146 -4.26 -26.12 3.83
CA ILE C 146 -3.45 -26.50 4.98
C ILE C 146 -2.00 -26.19 4.73
N ALA C 147 -1.51 -26.51 3.52
CA ALA C 147 -0.11 -26.25 3.21
C ALA C 147 0.17 -24.76 3.17
N ASN C 148 -0.76 -23.98 2.61
CA ASN C 148 -0.66 -22.52 2.61
C ASN C 148 -0.55 -21.98 4.03
N TRP C 149 -1.37 -22.51 4.93
CA TRP C 149 -1.37 -22.02 6.31
C TRP C 149 -0.08 -22.41 7.03
N LYS C 150 0.32 -23.68 6.93
CA LYS C 150 1.53 -24.14 7.62
C LYS C 150 2.77 -23.38 7.18
N THR C 151 2.84 -22.97 5.92
CA THR C 151 4.04 -22.28 5.44
C THR C 151 4.09 -20.82 5.85
N LEU C 152 3.00 -20.29 6.41
CA LEU C 152 2.98 -18.97 7.04
C LEU C 152 3.51 -19.08 8.45
N THR C 153 2.67 -19.71 9.29
CA THR C 153 2.82 -19.68 10.73
C THR C 153 4.06 -20.41 11.19
N ARG C 154 4.37 -21.54 10.54
CA ARG C 154 5.57 -22.29 10.84
C ARG C 154 5.58 -22.78 12.29
N TYR C 155 4.42 -23.23 12.77
CA TYR C 155 4.27 -23.68 14.16
C TYR C 155 5.13 -24.93 14.40
N ASP C 156 5.12 -25.39 15.65
CA ASP C 156 5.88 -26.58 16.01
C ASP C 156 5.34 -27.78 15.24
N SER C 157 6.27 -28.60 14.73
CA SER C 157 5.94 -29.89 14.13
C SER C 157 4.85 -30.62 14.90
N ALA C 158 4.81 -30.41 16.23
CA ALA C 158 3.77 -31.00 17.07
C ALA C 158 2.42 -30.36 16.81
N GLN C 159 2.35 -29.03 16.90
CA GLN C 159 1.09 -28.36 16.63
C GLN C 159 0.66 -28.59 15.18
N LYS C 160 1.62 -28.59 14.24
CA LYS C 160 1.27 -28.84 12.85
C LYS C 160 0.73 -30.25 12.64
N ASP C 161 1.34 -31.26 13.29
CA ASP C 161 0.80 -32.62 13.20
C ASP C 161 -0.61 -32.70 13.78
N ALA C 162 -0.85 -31.98 14.89
CA ALA C 162 -2.18 -31.96 15.46
C ALA C 162 -3.18 -31.30 14.52
N LEU C 163 -2.73 -30.30 13.75
CA LEU C 163 -3.64 -29.60 12.85
C LEU C 163 -4.23 -30.56 11.81
N GLY C 164 -3.42 -31.51 11.35
CA GLY C 164 -3.93 -32.46 10.37
C GLY C 164 -5.03 -33.33 10.93
N THR C 165 -4.86 -33.79 12.18
CA THR C 165 -5.93 -34.46 12.91
C THR C 165 -7.19 -33.60 12.94
N ALA C 166 -7.05 -32.32 13.28
CA ALA C 166 -8.20 -31.44 13.41
C ALA C 166 -9.05 -31.40 12.14
N LEU C 167 -8.45 -31.65 10.98
CA LEU C 167 -9.08 -31.38 9.70
C LEU C 167 -9.26 -32.66 8.88
N SER C 168 -9.16 -33.81 9.52
CA SER C 168 -9.13 -35.08 8.78
C SER C 168 -10.48 -35.52 8.27
N HIS C 169 -11.59 -34.93 8.74
CA HIS C 169 -12.91 -35.30 8.24
C HIS C 169 -13.69 -34.11 7.71
N VAL C 170 -13.00 -33.05 7.30
CA VAL C 170 -13.68 -31.92 6.67
C VAL C 170 -14.25 -32.32 5.32
N CYS C 171 -13.51 -33.11 4.55
CA CYS C 171 -14.00 -33.67 3.30
C CYS C 171 -14.29 -35.15 3.51
N ALA C 172 -15.21 -35.67 2.71
CA ALA C 172 -15.50 -37.09 2.74
C ALA C 172 -14.32 -37.92 2.22
N ALA C 173 -13.61 -37.41 1.20
CA ALA C 173 -12.62 -38.20 0.47
C ALA C 173 -11.18 -37.92 0.90
N GLY C 174 -10.94 -37.45 2.12
CA GLY C 174 -9.57 -37.27 2.62
C GLY C 174 -9.01 -35.86 2.55
N GLY C 175 -7.75 -35.72 2.12
CA GLY C 175 -7.13 -34.40 2.00
C GLY C 175 -6.31 -33.99 3.20
N ASP D 13 0.46 40.76 3.62
CA ASP D 13 -0.69 39.88 3.46
C ASP D 13 -0.64 39.12 2.14
N ASP D 14 -0.43 37.79 2.24
CA ASP D 14 -0.56 36.92 1.08
C ASP D 14 -2.00 36.52 0.87
N THR D 15 -2.96 37.37 1.28
CA THR D 15 -4.36 36.96 1.12
C THR D 15 -4.76 36.94 -0.34
N ALA D 16 -4.17 37.78 -1.19
CA ALA D 16 -4.48 37.73 -2.60
C ALA D 16 -4.11 36.37 -3.19
N LEU D 17 -2.89 35.90 -2.90
CA LEU D 17 -2.51 34.55 -3.30
C LEU D 17 -3.41 33.51 -2.67
N THR D 18 -3.67 33.63 -1.37
CA THR D 18 -4.51 32.64 -0.69
C THR D 18 -5.89 32.49 -1.35
N ASN D 19 -6.53 33.63 -1.67
CA ASN D 19 -7.83 33.58 -2.36
C ASN D 19 -7.73 32.94 -3.74
N LEU D 20 -6.62 33.22 -4.45
CA LEU D 20 -6.40 32.61 -5.76
C LEU D 20 -6.33 31.09 -5.63
N VAL D 21 -5.57 30.60 -4.65
CA VAL D 21 -5.47 29.17 -4.40
C VAL D 21 -6.85 28.56 -4.13
N ALA D 22 -7.61 29.20 -3.23
CA ALA D 22 -8.90 28.66 -2.82
C ALA D 22 -9.85 28.52 -4.01
N LEU D 23 -9.88 29.52 -4.89
CA LEU D 23 -10.80 29.50 -6.01
C LEU D 23 -10.32 28.54 -7.10
N ALA D 24 -9.01 28.45 -7.33
CA ALA D 24 -8.51 27.45 -8.27
C ALA D 24 -8.86 26.05 -7.80
N SER D 25 -8.70 25.78 -6.50
CA SER D 25 -9.07 24.49 -5.95
C SER D 25 -10.56 24.25 -6.08
N GLN D 26 -11.35 25.28 -5.86
CA GLN D 26 -12.80 25.18 -5.96
C GLN D 26 -13.22 24.79 -7.38
N ARG D 27 -12.63 25.46 -8.38
CA ARG D 27 -12.96 25.15 -9.77
C ARG D 27 -12.56 23.73 -10.12
N LEU D 28 -11.36 23.35 -9.67
CA LEU D 28 -10.82 22.02 -9.95
C LEU D 28 -11.69 20.93 -9.34
N ALA D 29 -12.23 21.17 -8.13
CA ALA D 29 -13.15 20.20 -7.52
C ALA D 29 -14.36 19.91 -8.40
N LEU D 30 -14.77 20.85 -9.24
CA LEU D 30 -15.91 20.61 -10.11
C LEU D 30 -15.59 19.68 -11.26
N ALA D 31 -14.31 19.34 -11.46
CA ALA D 31 -13.97 18.37 -12.50
C ALA D 31 -14.62 17.02 -12.24
N GLU D 32 -14.92 16.72 -10.96
CA GLU D 32 -15.50 15.42 -10.62
C GLU D 32 -16.96 15.34 -11.07
N PRO D 33 -17.80 16.35 -10.85
CA PRO D 33 -19.15 16.27 -11.44
C PRO D 33 -19.14 16.37 -12.96
N VAL D 34 -18.22 17.14 -13.54
CA VAL D 34 -18.01 17.06 -14.98
C VAL D 34 -17.70 15.63 -15.38
N ALA D 35 -16.68 15.02 -14.76
CA ALA D 35 -16.26 13.66 -15.15
C ALA D 35 -17.39 12.66 -14.96
N HIS D 36 -18.10 12.74 -13.82
CA HIS D 36 -19.26 11.90 -13.53
C HIS D 36 -20.30 11.98 -14.65
N TRP D 37 -20.62 13.19 -15.09
CA TRP D 37 -21.58 13.33 -16.17
C TRP D 37 -21.05 12.72 -17.47
N LYS D 38 -19.78 12.96 -17.79
CA LYS D 38 -19.24 12.43 -19.04
C LYS D 38 -19.14 10.91 -18.99
N TRP D 39 -18.87 10.35 -17.81
CA TRP D 39 -18.81 8.89 -17.62
C TRP D 39 -20.17 8.25 -17.92
N ILE D 40 -21.24 8.86 -17.45
CA ILE D 40 -22.56 8.27 -17.68
C ILE D 40 -23.01 8.51 -19.12
N ASN D 41 -22.78 9.69 -19.65
CA ASN D 41 -23.32 10.03 -20.97
C ASN D 41 -22.34 9.74 -22.10
N ARG D 42 -21.19 9.16 -21.79
CA ARG D 42 -20.20 8.76 -22.79
C ARG D 42 -19.86 9.91 -23.73
N LYS D 43 -19.50 11.01 -23.15
CA LYS D 43 -18.97 12.17 -23.84
C LYS D 43 -17.47 12.30 -23.58
N PRO D 44 -16.70 12.75 -24.57
CA PRO D 44 -15.26 12.87 -24.37
C PRO D 44 -14.89 13.97 -23.39
N ILE D 45 -13.80 13.72 -22.66
CA ILE D 45 -13.25 14.71 -21.74
C ILE D 45 -12.85 15.98 -22.47
N SER D 46 -12.15 15.83 -23.59
CA SER D 46 -11.74 16.99 -24.39
C SER D 46 -12.92 17.55 -25.18
N ASP D 47 -13.17 18.85 -25.03
CA ASP D 47 -14.23 19.57 -25.73
C ASP D 47 -13.64 20.81 -26.37
N PRO D 48 -13.03 20.68 -27.54
CA PRO D 48 -12.30 21.82 -28.15
C PRO D 48 -13.18 23.04 -28.35
N PRO D 49 -14.40 22.91 -28.88
CA PRO D 49 -15.27 24.12 -28.96
C PRO D 49 -15.52 24.77 -27.61
N ARG D 50 -15.84 23.99 -26.58
CA ARG D 50 -16.13 24.60 -25.28
C ARG D 50 -14.89 25.25 -24.69
N GLU D 51 -13.71 24.65 -24.91
CA GLU D 51 -12.47 25.25 -24.42
C GLU D 51 -12.17 26.56 -25.16
N ALA D 52 -12.41 26.59 -26.47
CA ALA D 52 -12.15 27.81 -27.24
C ALA D 52 -13.09 28.93 -26.79
N ALA D 53 -14.37 28.62 -26.63
CA ALA D 53 -15.32 29.58 -26.09
C ALA D 53 -14.84 30.16 -24.77
N LEU D 54 -14.41 29.28 -23.85
CA LEU D 54 -13.89 29.75 -22.57
C LEU D 54 -12.72 30.69 -22.76
N LEU D 55 -11.75 30.30 -23.59
CA LEU D 55 -10.50 31.05 -23.65
C LEU D 55 -10.68 32.40 -24.32
N THR D 56 -11.45 32.45 -25.42
CA THR D 56 -11.69 33.75 -26.04
C THR D 56 -12.57 34.62 -25.14
N ASP D 57 -13.45 34.00 -24.34
CA ASP D 57 -14.16 34.75 -23.31
C ASP D 57 -13.23 35.23 -22.20
N VAL D 58 -12.17 34.47 -21.90
CA VAL D 58 -11.26 34.89 -20.83
C VAL D 58 -10.47 36.12 -21.24
N GLU D 59 -10.11 36.23 -22.52
CA GLU D 59 -9.39 37.43 -22.96
C GLU D 59 -10.28 38.66 -22.93
N LYS D 60 -11.59 38.50 -23.18
CA LYS D 60 -12.50 39.63 -23.03
C LYS D 60 -12.63 40.02 -21.56
N ARG D 61 -12.80 39.03 -20.67
CA ARG D 61 -12.95 39.34 -19.25
C ARG D 61 -11.69 39.94 -18.65
N ALA D 62 -10.52 39.53 -19.15
CA ALA D 62 -9.27 40.08 -18.65
C ALA D 62 -9.10 41.54 -19.08
N THR D 63 -9.34 41.83 -20.36
CA THR D 63 -9.27 43.21 -20.83
C THR D 63 -10.18 44.12 -20.02
N ALA D 64 -11.42 43.68 -19.77
CA ALA D 64 -12.36 44.47 -19.00
C ALA D 64 -11.88 44.74 -17.58
N ASN D 65 -11.12 43.82 -16.99
CA ASN D 65 -10.65 43.95 -15.61
C ASN D 65 -9.17 44.34 -15.53
N GLY D 66 -8.58 44.83 -16.61
CA GLY D 66 -7.21 45.30 -16.56
C GLY D 66 -6.17 44.24 -16.30
N VAL D 67 -6.44 43.00 -16.69
CA VAL D 67 -5.48 41.90 -16.60
C VAL D 67 -4.92 41.65 -17.99
N ASP D 68 -3.60 41.59 -18.09
CA ASP D 68 -2.94 41.19 -19.32
C ASP D 68 -3.62 39.95 -19.89
N PRO D 69 -4.23 40.04 -21.07
CA PRO D 69 -4.91 38.86 -21.64
C PRO D 69 -3.99 37.67 -21.86
N ALA D 70 -2.71 37.90 -22.18
CA ALA D 70 -1.79 36.78 -22.36
C ALA D 70 -1.58 36.03 -21.05
N TYR D 71 -1.32 36.77 -19.98
CA TYR D 71 -1.25 36.21 -18.64
C TYR D 71 -2.52 35.42 -18.33
N ALA D 72 -3.68 36.03 -18.60
CA ALA D 72 -4.96 35.40 -18.27
C ALA D 72 -5.20 34.15 -19.10
N ARG D 73 -4.89 34.21 -20.41
CA ARG D 73 -5.05 33.02 -21.24
C ARG D 73 -4.18 31.87 -20.74
N THR D 74 -2.92 32.16 -20.39
CA THR D 74 -2.03 31.13 -19.89
C THR D 74 -2.60 30.48 -18.63
N PHE D 75 -3.09 31.30 -17.70
CA PHE D 75 -3.69 30.78 -16.48
C PHE D 75 -4.84 29.84 -16.79
N PHE D 76 -5.69 30.21 -17.74
CA PHE D 76 -6.81 29.33 -18.00
C PHE D 76 -6.44 28.16 -18.91
N ASP D 77 -5.40 28.30 -19.74
CA ASP D 77 -4.77 27.11 -20.30
C ASP D 77 -4.47 26.09 -19.19
N ASP D 78 -3.92 26.57 -18.07
CA ASP D 78 -3.58 25.67 -16.96
C ASP D 78 -4.83 25.18 -16.21
N GLN D 79 -5.83 26.03 -16.02
CA GLN D 79 -7.05 25.53 -15.38
C GLN D 79 -7.65 24.39 -16.18
N ILE D 80 -7.69 24.55 -17.51
CA ILE D 80 -8.26 23.53 -18.38
C ILE D 80 -7.41 22.26 -18.35
N ALA D 81 -6.09 22.42 -18.46
CA ALA D 81 -5.22 21.24 -18.39
C ALA D 81 -5.37 20.52 -17.07
N ALA D 82 -5.54 21.28 -15.97
CA ALA D 82 -5.67 20.62 -14.68
C ALA D 82 -7.00 19.89 -14.57
N SER D 83 -8.07 20.50 -15.08
CA SER D 83 -9.36 19.81 -15.09
C SER D 83 -9.27 18.50 -15.87
N LYS D 84 -8.68 18.54 -17.06
CA LYS D 84 -8.66 17.34 -17.90
C LYS D 84 -7.76 16.27 -17.28
N GLN D 85 -6.69 16.70 -16.62
CA GLN D 85 -5.85 15.81 -15.85
C GLN D 85 -6.66 15.07 -14.79
N LEU D 86 -7.41 15.82 -13.98
CA LEU D 86 -8.21 15.20 -12.94
C LEU D 86 -9.32 14.34 -13.53
N GLN D 87 -10.00 14.84 -14.57
CA GLN D 87 -11.03 14.04 -15.23
C GLN D 87 -10.47 12.70 -15.73
N ASN D 88 -9.29 12.73 -16.37
CA ASN D 88 -8.71 11.47 -16.85
C ASN D 88 -8.32 10.55 -15.70
N ALA D 89 -7.84 11.11 -14.59
CA ALA D 89 -7.47 10.25 -13.46
C ALA D 89 -8.71 9.60 -12.85
N LEU D 90 -9.82 10.33 -12.83
CA LEU D 90 -11.09 9.75 -12.37
C LEU D 90 -11.54 8.63 -13.29
N PHE D 91 -11.51 8.86 -14.61
CA PHE D 91 -11.89 7.81 -15.56
C PHE D 91 -11.04 6.56 -15.34
N ALA D 92 -9.73 6.73 -15.14
CA ALA D 92 -8.84 5.57 -14.94
C ALA D 92 -9.21 4.77 -13.70
N THR D 93 -9.40 5.47 -12.57
CA THR D 93 -9.89 4.81 -11.36
C THR D 93 -11.22 4.11 -11.59
N TRP D 94 -12.18 4.84 -12.17
CA TRP D 94 -13.50 4.25 -12.42
C TRP D 94 -13.41 3.06 -13.36
N ARG D 95 -12.51 3.13 -14.35
CA ARG D 95 -12.29 2.02 -15.28
C ARG D 95 -11.83 0.76 -14.56
N ALA D 96 -11.01 0.91 -13.53
CA ALA D 96 -10.43 -0.24 -12.84
C ALA D 96 -11.28 -0.73 -11.68
N THR D 97 -12.26 0.06 -11.22
CA THR D 97 -13.08 -0.34 -10.11
C THR D 97 -14.52 -0.26 -10.58
N HIS D 98 -15.25 0.79 -10.20
CA HIS D 98 -16.54 1.06 -10.83
C HIS D 98 -16.76 2.55 -10.80
N GLY D 99 -17.79 2.99 -11.55
CA GLY D 99 -18.11 4.38 -11.63
C GLY D 99 -18.73 4.89 -10.34
N PRO D 100 -19.00 6.18 -10.29
CA PRO D 100 -19.58 6.76 -9.10
C PRO D 100 -21.04 6.35 -8.94
N GLU D 101 -21.50 6.35 -7.69
CA GLU D 101 -22.87 6.06 -7.34
C GLU D 101 -23.76 7.28 -7.57
N GLY D 102 -25.00 7.02 -8.00
CA GLY D 102 -25.99 8.06 -8.20
C GLY D 102 -25.88 8.71 -9.56
N PRO D 103 -26.92 9.44 -9.96
CA PRO D 103 -26.88 10.17 -11.23
C PRO D 103 -25.93 11.36 -11.14
N ALA D 104 -25.51 11.78 -12.26
CA ALA D 104 -24.60 12.90 -12.15
C ALA D 104 -25.38 14.21 -12.16
N PRO D 105 -24.88 15.26 -11.49
CA PRO D 105 -25.47 16.59 -11.66
C PRO D 105 -25.50 16.97 -13.14
N ASP D 106 -26.58 17.62 -13.56
CA ASP D 106 -26.70 17.98 -14.96
C ASP D 106 -25.57 18.90 -15.37
N LEU D 107 -24.87 18.54 -16.45
CA LEU D 107 -23.72 19.32 -16.87
C LEU D 107 -24.13 20.76 -17.20
N ALA D 108 -25.22 20.92 -17.95
CA ALA D 108 -25.56 22.24 -18.46
C ALA D 108 -26.19 23.15 -17.40
N THR D 109 -27.11 22.64 -16.57
CA THR D 109 -27.87 23.51 -15.69
C THR D 109 -27.32 23.59 -14.27
N SER D 110 -26.47 22.64 -13.87
CA SER D 110 -25.89 22.62 -12.54
C SER D 110 -24.39 22.91 -12.57
N THR D 111 -23.60 22.07 -13.23
CA THR D 111 -22.17 22.17 -13.09
C THR D 111 -21.59 23.36 -13.85
N ARG D 112 -21.99 23.52 -15.10
CA ARG D 112 -21.44 24.62 -15.90
C ARG D 112 -21.72 25.99 -15.33
N PRO D 113 -22.90 26.28 -14.79
CA PRO D 113 -23.07 27.62 -14.19
C PRO D 113 -22.10 27.90 -13.07
N GLN D 114 -21.78 26.90 -12.23
CA GLN D 114 -20.75 27.11 -11.21
C GLN D 114 -19.40 27.40 -11.85
N LEU D 115 -18.99 26.57 -12.83
CA LEU D 115 -17.73 26.80 -13.53
C LEU D 115 -17.67 28.19 -14.13
N ASP D 116 -18.76 28.63 -14.77
CA ASP D 116 -18.79 29.97 -15.36
C ASP D 116 -18.69 31.05 -14.29
N ARG D 117 -19.39 30.88 -13.18
CA ARG D 117 -19.22 31.80 -12.04
C ARG D 117 -17.75 31.91 -11.65
N LEU D 118 -17.04 30.78 -11.62
CA LEU D 118 -15.66 30.81 -11.15
C LEU D 118 -14.70 31.45 -12.15
N THR D 119 -15.04 31.45 -13.45
CA THR D 119 -14.23 32.19 -14.41
C THR D 119 -14.10 33.65 -14.00
N GLN D 120 -15.22 34.27 -13.61
CA GLN D 120 -15.16 35.67 -13.21
C GLN D 120 -14.36 35.83 -11.92
N SER D 121 -14.57 34.95 -10.95
CA SER D 121 -13.87 35.06 -9.68
C SER D 121 -12.37 34.95 -9.87
N LEU D 122 -11.94 33.89 -10.57
CA LEU D 122 -10.52 33.71 -10.82
C LEU D 122 -9.93 34.94 -11.52
N ILE D 123 -10.60 35.45 -12.56
CA ILE D 123 -10.11 36.63 -13.25
C ILE D 123 -9.95 37.79 -12.29
N ALA D 124 -10.91 37.97 -11.38
CA ALA D 124 -10.79 39.03 -10.37
C ALA D 124 -9.67 38.72 -9.38
N ALA D 125 -9.54 37.46 -8.98
CA ALA D 125 -8.50 37.11 -8.01
C ALA D 125 -7.13 37.30 -8.64
N LEU D 126 -6.96 36.77 -9.86
CA LEU D 126 -5.74 36.98 -10.63
C LEU D 126 -5.42 38.45 -10.77
N ALA D 127 -6.45 39.31 -10.85
CA ALA D 127 -6.20 40.74 -10.94
C ALA D 127 -5.42 41.22 -9.71
N ARG D 128 -5.78 40.73 -8.52
CA ARG D 128 -5.11 41.17 -7.31
C ARG D 128 -3.72 40.55 -7.20
N VAL D 129 -3.52 39.38 -7.80
CA VAL D 129 -2.23 38.73 -7.68
C VAL D 129 -1.23 39.25 -8.72
N ALA D 130 -1.72 39.76 -9.85
CA ALA D 130 -0.87 40.16 -10.96
C ALA D 130 0.29 41.08 -10.61
N PRO D 131 0.17 42.08 -9.72
CA PRO D 131 1.34 42.92 -9.40
C PRO D 131 2.51 42.13 -8.82
N LEU D 132 2.24 41.04 -8.10
CA LEU D 132 3.27 40.22 -7.46
C LEU D 132 3.97 39.28 -8.42
N ARG D 133 3.48 39.20 -9.66
CA ARG D 133 3.84 38.11 -10.56
C ARG D 133 5.32 38.07 -10.88
N ASP D 134 6.03 39.20 -10.75
CA ASP D 134 7.46 39.26 -11.01
C ASP D 134 8.29 39.41 -9.74
N ALA D 135 7.67 39.57 -8.57
CA ALA D 135 8.45 39.77 -7.35
C ALA D 135 9.19 38.47 -7.00
N PRO D 136 10.45 38.58 -6.55
CA PRO D 136 11.25 37.37 -6.33
C PRO D 136 10.69 36.42 -5.28
N ASP D 137 9.89 36.91 -4.33
CA ASP D 137 9.30 36.05 -3.33
C ASP D 137 7.90 35.54 -3.71
N CYS D 138 7.39 35.89 -4.87
CA CYS D 138 6.12 35.31 -5.33
C CYS D 138 6.15 33.78 -5.31
N PRO D 139 7.13 33.09 -5.94
CA PRO D 139 7.11 31.63 -5.93
C PRO D 139 6.99 31.00 -4.54
N SER D 140 7.78 31.45 -3.57
CA SER D 140 7.71 30.85 -2.23
C SER D 140 6.44 31.26 -1.49
N ARG D 141 5.94 32.48 -1.69
CA ARG D 141 4.65 32.81 -1.05
C ARG D 141 3.50 32.00 -1.64
N LEU D 142 3.53 31.76 -2.95
CA LEU D 142 2.54 30.88 -3.56
C LEU D 142 2.72 29.44 -3.07
N ALA D 143 3.97 28.97 -3.00
CA ALA D 143 4.24 27.64 -2.47
C ALA D 143 3.62 27.45 -1.09
N ARG D 144 3.77 28.45 -0.21
CA ARG D 144 3.25 28.34 1.15
C ARG D 144 1.73 28.38 1.17
N SER D 145 1.12 29.22 0.34
CA SER D 145 -0.34 29.23 0.26
C SER D 145 -0.86 27.86 -0.17
N ILE D 146 -0.25 27.27 -1.19
CA ILE D 146 -0.70 25.97 -1.69
C ILE D 146 -0.60 24.92 -0.58
N ALA D 147 0.57 24.85 0.09
CA ALA D 147 0.76 23.92 1.20
C ALA D 147 -0.30 24.11 2.28
N ASN D 148 -0.57 25.36 2.66
CA ASN D 148 -1.51 25.61 3.73
C ASN D 148 -2.94 25.21 3.34
N TRP D 149 -3.28 25.31 2.06
CA TRP D 149 -4.61 24.89 1.63
C TRP D 149 -4.70 23.37 1.57
N LYS D 150 -3.69 22.72 1.00
CA LYS D 150 -3.70 21.27 0.85
C LYS D 150 -3.81 20.57 2.21
N THR D 151 -3.14 21.11 3.24
CA THR D 151 -3.22 20.44 4.53
C THR D 151 -4.55 20.66 5.21
N LEU D 152 -5.39 21.56 4.69
CA LEU D 152 -6.77 21.72 5.15
C LEU D 152 -7.71 20.76 4.45
N THR D 153 -7.66 20.74 3.11
CA THR D 153 -8.65 20.03 2.30
C THR D 153 -8.31 18.58 2.03
N ARG D 154 -7.02 18.25 1.86
CA ARG D 154 -6.52 16.88 1.86
C ARG D 154 -7.15 15.99 0.78
N TYR D 155 -7.26 16.52 -0.44
CA TYR D 155 -7.75 15.71 -1.54
C TYR D 155 -6.72 14.62 -1.92
N ASP D 156 -7.12 13.74 -2.84
CA ASP D 156 -6.20 12.70 -3.26
C ASP D 156 -5.10 13.29 -4.15
N SER D 157 -4.02 12.52 -4.31
CA SER D 157 -2.82 13.05 -4.94
C SER D 157 -3.09 13.50 -6.37
N ALA D 158 -4.05 12.88 -7.05
CA ALA D 158 -4.37 13.30 -8.41
C ALA D 158 -4.86 14.73 -8.42
N GLN D 159 -5.89 15.02 -7.63
CA GLN D 159 -6.39 16.38 -7.51
C GLN D 159 -5.28 17.31 -7.04
N LYS D 160 -4.54 16.91 -6.01
CA LYS D 160 -3.48 17.75 -5.49
C LYS D 160 -2.43 18.00 -6.56
N ASP D 161 -2.13 17.00 -7.39
CA ASP D 161 -1.20 17.21 -8.50
C ASP D 161 -1.79 18.19 -9.51
N ALA D 162 -3.08 18.05 -9.81
CA ALA D 162 -3.70 18.92 -10.79
C ALA D 162 -3.72 20.37 -10.31
N LEU D 163 -3.88 20.59 -9.00
CA LEU D 163 -3.83 21.95 -8.49
C LEU D 163 -2.46 22.56 -8.75
N GLY D 164 -1.41 21.77 -8.60
CA GLY D 164 -0.08 22.21 -9.00
C GLY D 164 -0.05 22.70 -10.44
N THR D 165 -0.61 21.91 -11.35
CA THR D 165 -0.70 22.35 -12.74
C THR D 165 -1.41 23.68 -12.87
N ALA D 166 -2.55 23.82 -12.16
CA ALA D 166 -3.37 25.01 -12.34
C ALA D 166 -2.64 26.27 -11.92
N LEU D 167 -1.78 26.18 -10.92
CA LEU D 167 -1.12 27.37 -10.40
C LEU D 167 0.31 27.52 -10.92
N SER D 168 0.68 26.75 -11.94
CA SER D 168 2.09 26.66 -12.33
C SER D 168 2.59 27.88 -13.11
N HIS D 169 1.72 28.80 -13.53
CA HIS D 169 2.15 30.03 -14.19
C HIS D 169 1.59 31.28 -13.50
N VAL D 170 1.29 31.19 -12.21
CA VAL D 170 0.89 32.39 -11.47
C VAL D 170 2.04 33.38 -11.38
N CYS D 171 3.23 32.90 -10.98
CA CYS D 171 4.42 33.72 -10.91
C CYS D 171 5.24 33.56 -12.18
N ALA D 172 5.97 34.62 -12.54
CA ALA D 172 6.73 34.65 -13.79
C ALA D 172 7.74 33.50 -13.91
N GLY E 12 10.50 -23.04 -0.82
CA GLY E 12 10.30 -21.61 -0.74
C GLY E 12 11.60 -20.85 -0.51
N ASP E 13 12.36 -21.31 0.48
CA ASP E 13 13.67 -20.72 0.74
C ASP E 13 14.63 -20.94 -0.41
N ASP E 14 14.32 -21.87 -1.32
CA ASP E 14 15.09 -22.01 -2.55
C ASP E 14 15.19 -20.66 -3.28
N THR E 15 14.12 -19.86 -3.26
CA THR E 15 14.17 -18.60 -3.99
C THR E 15 15.12 -17.61 -3.33
N ALA E 16 15.21 -17.64 -1.99
CA ALA E 16 16.16 -16.76 -1.30
C ALA E 16 17.58 -17.07 -1.73
N LEU E 17 17.94 -18.34 -1.81
CA LEU E 17 19.25 -18.70 -2.36
C LEU E 17 19.36 -18.26 -3.81
N THR E 18 18.30 -18.50 -4.59
CA THR E 18 18.35 -18.14 -6.00
C THR E 18 18.60 -16.64 -6.18
N ASN E 19 17.91 -15.81 -5.40
CA ASN E 19 18.11 -14.37 -5.51
C ASN E 19 19.53 -13.98 -5.08
N LEU E 20 20.05 -14.60 -4.02
CA LEU E 20 21.42 -14.29 -3.59
C LEU E 20 22.43 -14.64 -4.68
N VAL E 21 22.24 -15.78 -5.35
CA VAL E 21 23.13 -16.18 -6.43
C VAL E 21 23.07 -15.16 -7.56
N ALA E 22 21.86 -14.81 -7.99
CA ALA E 22 21.69 -13.87 -9.10
C ALA E 22 22.37 -12.54 -8.80
N LEU E 23 22.17 -12.02 -7.60
CA LEU E 23 22.74 -10.71 -7.28
C LEU E 23 24.27 -10.79 -7.12
N ALA E 24 24.80 -11.93 -6.69
CA ALA E 24 26.26 -12.06 -6.65
C ALA E 24 26.84 -12.07 -8.05
N SER E 25 26.19 -12.81 -8.96
CA SER E 25 26.63 -12.81 -10.36
C SER E 25 26.55 -11.40 -10.94
N GLN E 26 25.46 -10.70 -10.69
CA GLN E 26 25.30 -9.32 -11.16
C GLN E 26 26.46 -8.45 -10.70
N ARG E 27 26.83 -8.53 -9.42
CA ARG E 27 27.93 -7.68 -8.94
C ARG E 27 29.23 -8.08 -9.61
N LEU E 28 29.45 -9.38 -9.78
CA LEU E 28 30.65 -9.87 -10.47
C LEU E 28 30.70 -9.39 -11.92
N ALA E 29 29.56 -9.27 -12.59
CA ALA E 29 29.59 -8.80 -13.98
C ALA E 29 30.15 -7.38 -14.09
N LEU E 30 30.09 -6.58 -13.02
CA LEU E 30 30.66 -5.24 -13.09
C LEU E 30 32.18 -5.23 -12.91
N ALA E 31 32.80 -6.40 -12.70
CA ALA E 31 34.25 -6.45 -12.60
C ALA E 31 34.90 -6.12 -13.94
N GLU E 32 34.31 -6.58 -15.04
CA GLU E 32 34.87 -6.28 -16.37
C GLU E 32 34.96 -4.79 -16.64
N PRO E 33 33.90 -3.98 -16.46
CA PRO E 33 34.07 -2.53 -16.67
C PRO E 33 35.00 -1.88 -15.66
N VAL E 34 35.06 -2.34 -14.40
CA VAL E 34 36.08 -1.83 -13.49
C VAL E 34 37.47 -2.09 -14.06
N ALA E 35 37.73 -3.35 -14.43
CA ALA E 35 39.03 -3.73 -14.95
C ALA E 35 39.34 -2.98 -16.23
N HIS E 36 38.34 -2.83 -17.10
CA HIS E 36 38.51 -2.07 -18.33
C HIS E 36 38.96 -0.65 -18.03
N TRP E 37 38.29 0.00 -17.07
CA TRP E 37 38.67 1.37 -16.76
C TRP E 37 40.06 1.45 -16.16
N LYS E 38 40.41 0.51 -15.27
CA LYS E 38 41.73 0.51 -14.66
C LYS E 38 42.81 0.17 -15.68
N TRP E 39 42.54 -0.79 -16.56
CA TRP E 39 43.47 -1.13 -17.63
C TRP E 39 43.84 0.10 -18.47
N ILE E 40 42.83 0.86 -18.92
CA ILE E 40 43.09 2.02 -19.77
C ILE E 40 43.80 3.13 -18.99
N ASN E 41 43.36 3.39 -17.76
CA ASN E 41 43.91 4.52 -17.01
C ASN E 41 45.12 4.14 -16.15
N ARG E 42 45.57 2.89 -16.20
CA ARG E 42 46.71 2.43 -15.40
C ARG E 42 46.52 2.75 -13.92
N LYS E 43 45.46 2.19 -13.37
CA LYS E 43 45.20 2.29 -11.96
C LYS E 43 45.17 0.88 -11.37
N PRO E 44 45.56 0.71 -10.12
CA PRO E 44 45.68 -0.65 -9.56
C PRO E 44 44.34 -1.26 -9.20
N ILE E 45 44.28 -2.59 -9.38
CA ILE E 45 43.11 -3.35 -8.99
C ILE E 45 42.88 -3.25 -7.49
N SER E 46 43.95 -3.29 -6.71
CA SER E 46 43.85 -3.17 -5.26
C SER E 46 43.64 -1.71 -4.89
N ASP E 47 42.65 -1.46 -4.03
CA ASP E 47 42.35 -0.13 -3.51
C ASP E 47 41.99 -0.30 -2.05
N PRO E 48 42.98 -0.40 -1.17
CA PRO E 48 42.73 -0.78 0.24
C PRO E 48 41.79 0.18 0.96
N PRO E 49 41.92 1.52 0.80
CA PRO E 49 41.00 2.39 1.56
C PRO E 49 39.57 2.31 1.07
N ARG E 50 39.34 2.02 -0.21
CA ARG E 50 37.96 1.85 -0.67
C ARG E 50 37.37 0.54 -0.18
N GLU E 51 38.17 -0.53 -0.15
CA GLU E 51 37.69 -1.81 0.37
C GLU E 51 37.31 -1.70 1.85
N ALA E 52 38.20 -1.13 2.67
CA ALA E 52 37.90 -0.99 4.10
C ALA E 52 36.66 -0.13 4.32
N ALA E 53 36.48 0.90 3.49
CA ALA E 53 35.27 1.72 3.58
C ALA E 53 34.02 0.91 3.25
N LEU E 54 34.12 0.00 2.28
CA LEU E 54 32.98 -0.86 1.96
C LEU E 54 32.66 -1.80 3.11
N LEU E 55 33.69 -2.32 3.78
CA LEU E 55 33.45 -3.26 4.87
C LEU E 55 32.88 -2.59 6.10
N THR E 56 33.28 -1.34 6.38
CA THR E 56 32.64 -0.60 7.46
C THR E 56 31.17 -0.33 7.16
N ASP E 57 30.88 0.10 5.93
CA ASP E 57 29.50 0.34 5.54
C ASP E 57 28.68 -0.95 5.61
N VAL E 58 29.29 -2.07 5.21
CA VAL E 58 28.63 -3.37 5.31
C VAL E 58 28.27 -3.68 6.77
N GLU E 59 29.21 -3.46 7.69
CA GLU E 59 28.92 -3.73 9.10
C GLU E 59 27.81 -2.84 9.62
N LYS E 60 27.82 -1.56 9.23
CA LYS E 60 26.74 -0.66 9.59
C LYS E 60 25.39 -1.16 9.08
N ARG E 61 25.29 -1.41 7.78
CA ARG E 61 24.01 -1.85 7.23
C ARG E 61 23.60 -3.20 7.79
N ALA E 62 24.57 -4.10 8.00
CA ALA E 62 24.23 -5.41 8.55
C ALA E 62 23.54 -5.27 9.89
N THR E 63 24.20 -4.61 10.85
CA THR E 63 23.63 -4.39 12.18
C THR E 63 22.25 -3.77 12.10
N ALA E 64 22.07 -2.80 11.20
CA ALA E 64 20.79 -2.13 11.05
C ALA E 64 19.71 -3.10 10.59
N ASN E 65 20.01 -3.97 9.64
CA ASN E 65 19.03 -4.90 9.11
C ASN E 65 18.96 -6.19 9.91
N GLY E 66 19.54 -6.21 11.11
CA GLY E 66 19.51 -7.38 11.95
C GLY E 66 20.28 -8.56 11.41
N VAL E 67 21.29 -8.32 10.58
CA VAL E 67 22.14 -9.40 10.08
C VAL E 67 23.38 -9.47 10.96
N ASP E 68 23.83 -10.68 11.24
CA ASP E 68 25.10 -10.87 11.93
C ASP E 68 26.21 -10.14 11.16
N PRO E 69 26.85 -9.13 11.76
CA PRO E 69 27.90 -8.41 11.02
C PRO E 69 29.08 -9.28 10.62
N ALA E 70 29.45 -10.27 11.42
CA ALA E 70 30.54 -11.15 11.05
C ALA E 70 30.20 -11.93 9.80
N TYR E 71 29.01 -12.53 9.77
CA TYR E 71 28.51 -13.18 8.56
C TYR E 71 28.60 -12.27 7.35
N ALA E 72 28.14 -11.02 7.51
CA ALA E 72 28.13 -10.07 6.40
C ALA E 72 29.53 -9.63 6.01
N ARG E 73 30.39 -9.32 7.00
CA ARG E 73 31.77 -8.95 6.66
C ARG E 73 32.43 -10.06 5.85
N THR E 74 32.31 -11.31 6.33
CA THR E 74 32.91 -12.43 5.62
C THR E 74 32.34 -12.57 4.21
N PHE E 75 31.02 -12.49 4.07
CA PHE E 75 30.42 -12.61 2.74
C PHE E 75 30.94 -11.54 1.81
N PHE E 76 31.14 -10.32 2.31
CA PHE E 76 31.64 -9.26 1.46
C PHE E 76 33.16 -9.31 1.31
N ASP E 77 33.89 -9.91 2.26
CA ASP E 77 35.27 -10.28 1.98
C ASP E 77 35.33 -11.09 0.70
N ASP E 78 34.40 -12.04 0.57
CA ASP E 78 34.38 -12.92 -0.59
C ASP E 78 33.95 -12.16 -1.83
N GLN E 79 32.99 -11.22 -1.70
CA GLN E 79 32.62 -10.40 -2.86
C GLN E 79 33.83 -9.61 -3.35
N ILE E 80 34.56 -8.98 -2.44
CA ILE E 80 35.79 -8.25 -2.77
C ILE E 80 36.81 -9.19 -3.40
N ALA E 81 37.01 -10.36 -2.77
CA ALA E 81 38.02 -11.29 -3.27
C ALA E 81 37.64 -11.86 -4.63
N ALA E 82 36.37 -12.19 -4.83
CA ALA E 82 35.92 -12.67 -6.14
C ALA E 82 36.11 -11.60 -7.22
N SER E 83 35.82 -10.34 -6.88
CA SER E 83 36.00 -9.26 -7.84
C SER E 83 37.47 -9.11 -8.26
N LYS E 84 38.37 -9.04 -7.29
CA LYS E 84 39.79 -8.89 -7.61
C LYS E 84 40.29 -10.09 -8.40
N GLN E 85 39.83 -11.28 -8.06
CA GLN E 85 40.20 -12.48 -8.79
C GLN E 85 39.85 -12.36 -10.28
N LEU E 86 38.61 -11.95 -10.58
CA LEU E 86 38.20 -11.79 -11.97
C LEU E 86 38.95 -10.66 -12.65
N GLN E 87 39.15 -9.54 -11.96
CA GLN E 87 39.87 -8.42 -12.56
C GLN E 87 41.30 -8.82 -12.94
N ASN E 88 41.99 -9.53 -12.05
CA ASN E 88 43.35 -9.96 -12.36
C ASN E 88 43.37 -11.00 -13.47
N ALA E 89 42.33 -11.84 -13.58
CA ALA E 89 42.31 -12.79 -14.69
C ALA E 89 42.13 -12.05 -16.01
N LEU E 90 41.30 -11.00 -16.03
CA LEU E 90 41.16 -10.19 -17.22
C LEU E 90 42.47 -9.50 -17.60
N PHE E 91 43.22 -8.99 -16.61
CA PHE E 91 44.50 -8.35 -16.93
C PHE E 91 45.44 -9.34 -17.61
N ALA E 92 45.52 -10.57 -17.09
CA ALA E 92 46.41 -11.57 -17.67
C ALA E 92 45.97 -11.90 -19.10
N THR E 93 44.67 -12.02 -19.33
CA THR E 93 44.18 -12.22 -20.68
C THR E 93 44.54 -11.05 -21.59
N TRP E 94 44.40 -9.83 -21.09
CA TRP E 94 44.70 -8.65 -21.90
C TRP E 94 46.21 -8.49 -22.12
N ARG E 95 47.03 -8.83 -21.12
CA ARG E 95 48.48 -8.87 -21.34
C ARG E 95 48.84 -9.87 -22.42
N ALA E 96 48.26 -11.07 -22.36
CA ALA E 96 48.62 -12.15 -23.27
C ALA E 96 48.22 -11.86 -24.71
N THR E 97 47.22 -11.00 -24.91
CA THR E 97 46.79 -10.65 -26.26
C THR E 97 46.70 -9.14 -26.42
N HIS E 98 45.55 -8.57 -26.05
CA HIS E 98 45.29 -7.16 -26.26
C HIS E 98 44.13 -6.75 -25.37
N GLY E 99 44.12 -5.48 -24.97
CA GLY E 99 43.03 -4.94 -24.21
C GLY E 99 41.74 -4.96 -24.99
N PRO E 100 40.64 -4.63 -24.34
CA PRO E 100 39.34 -4.63 -25.03
C PRO E 100 39.22 -3.43 -25.94
N GLU E 101 38.64 -3.66 -27.12
CA GLU E 101 38.30 -2.56 -28.02
C GLU E 101 37.15 -1.75 -27.43
N GLY E 102 37.19 -0.44 -27.67
CA GLY E 102 36.16 0.45 -27.19
C GLY E 102 36.50 1.06 -25.85
N PRO E 103 35.90 2.20 -25.53
CA PRO E 103 36.19 2.86 -24.26
C PRO E 103 35.58 2.09 -23.10
N ALA E 104 36.08 2.39 -21.94
CA ALA E 104 35.47 1.81 -20.76
C ALA E 104 34.39 2.75 -20.24
N PRO E 105 33.32 2.19 -19.67
CA PRO E 105 32.38 3.04 -18.92
C PRO E 105 33.11 3.79 -17.82
N ASP E 106 32.68 5.02 -17.58
CA ASP E 106 33.28 5.83 -16.55
C ASP E 106 33.13 5.17 -15.17
N LEU E 107 34.24 4.91 -14.51
CA LEU E 107 34.19 4.23 -13.22
C LEU E 107 33.32 5.00 -12.23
N ALA E 108 33.47 6.33 -12.17
CA ALA E 108 32.84 7.12 -11.13
C ALA E 108 31.35 7.32 -11.37
N THR E 109 30.95 7.70 -12.58
CA THR E 109 29.55 8.05 -12.84
C THR E 109 28.70 6.92 -13.38
N SER E 110 29.30 5.88 -13.92
CA SER E 110 28.55 4.76 -14.48
C SER E 110 28.69 3.51 -13.62
N THR E 111 29.92 3.00 -13.47
CA THR E 111 30.13 1.70 -12.85
C THR E 111 29.94 1.76 -11.33
N ARG E 112 30.66 2.65 -10.66
CA ARG E 112 30.59 2.72 -9.20
C ARG E 112 29.18 2.85 -8.64
N PRO E 113 28.28 3.67 -9.21
CA PRO E 113 26.91 3.71 -8.65
C PRO E 113 26.17 2.39 -8.73
N GLN E 114 26.42 1.58 -9.77
CA GLN E 114 25.79 0.26 -9.85
C GLN E 114 26.32 -0.67 -8.78
N LEU E 115 27.62 -0.58 -8.45
CA LEU E 115 28.19 -1.40 -7.39
C LEU E 115 27.63 -1.03 -6.02
N ASP E 116 27.44 0.27 -5.77
CA ASP E 116 26.88 0.73 -4.50
C ASP E 116 25.45 0.26 -4.31
N ARG E 117 24.64 0.29 -5.38
CA ARG E 117 23.27 -0.20 -5.29
C ARG E 117 23.25 -1.67 -4.89
N LEU E 118 24.20 -2.46 -5.41
CA LEU E 118 24.22 -3.89 -5.10
C LEU E 118 24.62 -4.20 -3.66
N THR E 119 25.37 -3.33 -3.00
CA THR E 119 25.67 -3.56 -1.59
C THR E 119 24.38 -3.65 -0.78
N GLN E 120 23.49 -2.68 -0.94
CA GLN E 120 22.18 -2.73 -0.27
C GLN E 120 21.42 -4.00 -0.66
N SER E 121 21.32 -4.26 -1.98
CA SER E 121 20.57 -5.42 -2.46
C SER E 121 21.09 -6.72 -1.87
N LEU E 122 22.41 -6.86 -1.79
CA LEU E 122 23.01 -8.09 -1.30
C LEU E 122 22.82 -8.23 0.21
N ILE E 123 22.91 -7.12 0.93
CA ILE E 123 22.63 -7.16 2.37
C ILE E 123 21.24 -7.71 2.61
N ALA E 124 20.25 -7.17 1.87
CA ALA E 124 18.87 -7.62 2.05
C ALA E 124 18.71 -9.07 1.62
N ALA E 125 19.36 -9.47 0.53
CA ALA E 125 19.28 -10.87 0.10
C ALA E 125 19.89 -11.78 1.15
N LEU E 126 21.01 -11.35 1.73
CA LEU E 126 21.68 -12.15 2.73
C LEU E 126 20.82 -12.26 3.98
N ALA E 127 20.11 -11.19 4.35
CA ALA E 127 19.25 -11.25 5.53
C ALA E 127 18.17 -12.32 5.38
N ARG E 128 17.72 -12.57 4.15
CA ARG E 128 16.74 -13.63 3.97
C ARG E 128 17.40 -15.00 4.03
N VAL E 129 18.67 -15.09 3.64
CA VAL E 129 19.34 -16.38 3.65
C VAL E 129 19.88 -16.69 5.04
N ALA E 130 20.23 -15.65 5.81
CA ALA E 130 20.87 -15.84 7.11
C ALA E 130 20.16 -16.83 8.03
N PRO E 131 18.83 -16.82 8.19
CA PRO E 131 18.22 -17.86 9.04
C PRO E 131 18.48 -19.27 8.55
N LEU E 132 18.54 -19.49 7.25
CA LEU E 132 18.78 -20.81 6.69
C LEU E 132 20.24 -21.24 6.75
N ARG E 133 21.14 -20.36 7.19
CA ARG E 133 22.57 -20.59 6.99
C ARG E 133 23.05 -21.88 7.68
N ASP E 134 22.47 -22.22 8.83
CA ASP E 134 22.91 -23.36 9.61
C ASP E 134 22.14 -24.64 9.30
N ALA E 135 21.15 -24.57 8.41
CA ALA E 135 20.32 -25.74 8.11
C ALA E 135 21.19 -26.85 7.50
N PRO E 136 20.82 -28.12 7.71
CA PRO E 136 21.65 -29.20 7.16
C PRO E 136 21.69 -29.21 5.66
N ASP E 137 20.58 -28.91 5.00
CA ASP E 137 20.49 -28.94 3.54
C ASP E 137 20.81 -27.60 2.88
N CYS E 138 21.39 -26.65 3.62
CA CYS E 138 21.84 -25.42 2.98
C CYS E 138 22.80 -25.72 1.83
N PRO E 139 23.93 -26.41 2.02
CA PRO E 139 24.88 -26.55 0.91
C PRO E 139 24.29 -27.22 -0.33
N SER E 140 23.51 -28.28 -0.13
CA SER E 140 22.87 -28.96 -1.25
C SER E 140 21.95 -28.02 -2.04
N ARG E 141 21.09 -27.27 -1.34
CA ARG E 141 20.19 -26.34 -2.04
C ARG E 141 20.94 -25.20 -2.71
N LEU E 142 22.03 -24.73 -2.10
CA LEU E 142 22.83 -23.66 -2.71
C LEU E 142 23.50 -24.16 -3.99
N ALA E 143 24.11 -25.34 -3.95
CA ALA E 143 24.74 -25.87 -5.15
C ALA E 143 23.73 -26.06 -6.27
N ARG E 144 22.48 -26.42 -5.94
CA ARG E 144 21.45 -26.52 -6.96
C ARG E 144 21.11 -25.15 -7.55
N SER E 145 21.01 -24.13 -6.71
CA SER E 145 20.77 -22.79 -7.23
C SER E 145 21.93 -22.32 -8.10
N ILE E 146 23.17 -22.63 -7.70
CA ILE E 146 24.34 -22.18 -8.46
C ILE E 146 24.36 -22.84 -9.84
N ALA E 147 24.09 -24.15 -9.90
CA ALA E 147 24.10 -24.83 -11.18
C ALA E 147 22.94 -24.38 -12.07
N ASN E 148 21.77 -24.12 -11.47
CA ASN E 148 20.64 -23.64 -12.26
C ASN E 148 20.93 -22.27 -12.88
N TRP E 149 21.69 -21.44 -12.17
CA TRP E 149 22.02 -20.12 -12.69
C TRP E 149 23.07 -20.21 -13.80
N LYS E 150 24.14 -20.99 -13.58
CA LYS E 150 25.22 -21.07 -14.55
C LYS E 150 24.75 -21.63 -15.88
N THR E 151 23.83 -22.60 -15.87
CA THR E 151 23.37 -23.15 -17.14
C THR E 151 22.47 -22.19 -17.91
N LEU E 152 21.98 -21.13 -17.27
CA LEU E 152 21.22 -20.12 -17.99
C LEU E 152 22.15 -19.08 -18.62
N THR E 153 23.03 -18.49 -17.82
CA THR E 153 23.78 -17.31 -18.23
C THR E 153 25.03 -17.67 -19.00
N ARG E 154 25.65 -18.82 -18.71
CA ARG E 154 26.77 -19.33 -19.49
C ARG E 154 27.87 -18.28 -19.66
N TYR E 155 28.35 -17.74 -18.54
CA TYR E 155 29.44 -16.77 -18.55
C TYR E 155 30.79 -17.46 -18.81
N ASP E 156 31.82 -16.64 -19.02
CA ASP E 156 33.16 -17.18 -19.22
C ASP E 156 33.65 -17.87 -17.93
N SER E 157 34.59 -18.81 -18.12
CA SER E 157 35.02 -19.66 -17.02
C SER E 157 35.61 -18.84 -15.87
N ALA E 158 36.38 -17.78 -16.19
CA ALA E 158 36.95 -16.95 -15.14
C ALA E 158 35.87 -16.30 -14.29
N GLN E 159 34.75 -15.91 -14.91
CA GLN E 159 33.67 -15.33 -14.13
C GLN E 159 32.98 -16.40 -13.27
N LYS E 160 32.65 -17.54 -13.88
CA LYS E 160 32.09 -18.66 -13.12
C LYS E 160 33.01 -19.07 -11.97
N ASP E 161 34.33 -19.00 -12.19
CA ASP E 161 35.27 -19.34 -11.13
C ASP E 161 35.13 -18.41 -9.93
N ALA E 162 35.10 -17.09 -10.19
CA ALA E 162 34.99 -16.14 -9.10
C ALA E 162 33.62 -16.18 -8.43
N LEU E 163 32.59 -16.62 -9.16
CA LEU E 163 31.28 -16.79 -8.52
C LEU E 163 31.36 -17.80 -7.37
N GLY E 164 32.13 -18.87 -7.56
CA GLY E 164 32.33 -19.82 -6.48
C GLY E 164 32.95 -19.20 -5.25
N THR E 165 34.01 -18.40 -5.45
CA THR E 165 34.61 -17.66 -4.34
C THR E 165 33.58 -16.76 -3.67
N ALA E 166 32.76 -16.09 -4.48
CA ALA E 166 31.79 -15.14 -3.94
C ALA E 166 30.78 -15.83 -3.03
N LEU E 167 30.49 -17.11 -3.29
CA LEU E 167 29.43 -17.81 -2.58
C LEU E 167 29.98 -18.89 -1.64
N SER E 168 31.28 -18.84 -1.33
CA SER E 168 31.95 -19.91 -0.59
C SER E 168 31.70 -19.87 0.91
N HIS E 169 31.08 -18.82 1.44
CA HIS E 169 30.79 -18.76 2.87
C HIS E 169 29.33 -18.42 3.12
N VAL E 170 28.45 -18.75 2.17
CA VAL E 170 27.01 -18.57 2.41
C VAL E 170 26.54 -19.51 3.50
N CYS E 171 26.86 -20.80 3.37
CA CYS E 171 26.58 -21.78 4.41
C CYS E 171 27.80 -21.96 5.31
N ASP F 14 -3.35 37.63 7.80
CA ASP F 14 -3.63 36.37 8.48
C ASP F 14 -4.46 35.46 7.57
N THR F 15 -3.79 34.46 6.99
CA THR F 15 -4.43 33.60 6.00
C THR F 15 -5.35 32.57 6.62
N ALA F 16 -5.22 32.28 7.92
CA ALA F 16 -6.14 31.33 8.57
C ALA F 16 -7.58 31.82 8.48
N LEU F 17 -7.79 33.12 8.71
CA LEU F 17 -9.12 33.69 8.54
C LEU F 17 -9.59 33.56 7.10
N THR F 18 -8.76 34.00 6.16
CA THR F 18 -9.14 33.97 4.74
C THR F 18 -9.54 32.57 4.30
N ASN F 19 -8.79 31.54 4.74
CA ASN F 19 -9.15 30.17 4.38
C ASN F 19 -10.44 29.75 5.07
N LEU F 20 -10.67 30.21 6.31
CA LEU F 20 -11.92 29.89 6.98
C LEU F 20 -13.12 30.44 6.21
N VAL F 21 -13.01 31.70 5.77
CA VAL F 21 -14.11 32.34 5.02
C VAL F 21 -14.38 31.57 3.74
N ALA F 22 -13.32 31.21 3.01
CA ALA F 22 -13.50 30.54 1.73
C ALA F 22 -14.18 29.20 1.92
N LEU F 23 -13.77 28.43 2.94
CA LEU F 23 -14.36 27.12 3.15
C LEU F 23 -15.80 27.24 3.63
N ALA F 24 -16.08 28.23 4.49
CA ALA F 24 -17.46 28.50 4.91
C ALA F 24 -18.35 28.88 3.73
N SER F 25 -17.85 29.75 2.84
CA SER F 25 -18.61 30.09 1.64
C SER F 25 -18.83 28.87 0.77
N GLN F 26 -17.79 28.07 0.58
CA GLN F 26 -17.90 26.84 -0.19
C GLN F 26 -18.99 25.92 0.38
N ARG F 27 -19.03 25.76 1.70
CA ARG F 27 -20.07 24.93 2.29
C ARG F 27 -21.44 25.54 2.04
N LEU F 28 -21.56 26.85 2.23
CA LEU F 28 -22.83 27.54 2.07
C LEU F 28 -23.35 27.45 0.64
N ALA F 29 -22.44 27.46 -0.35
CA ALA F 29 -22.84 27.36 -1.74
C ALA F 29 -23.64 26.09 -2.02
N LEU F 30 -23.40 25.02 -1.26
CA LEU F 30 -24.15 23.80 -1.45
C LEU F 30 -25.56 23.86 -0.90
N ALA F 31 -25.93 24.96 -0.24
CA ALA F 31 -27.32 25.09 0.21
C ALA F 31 -28.27 25.22 -0.95
N GLU F 32 -27.81 25.81 -2.06
CA GLU F 32 -28.65 25.88 -3.25
C GLU F 32 -29.03 24.50 -3.77
N PRO F 33 -28.10 23.58 -4.06
CA PRO F 33 -28.53 22.25 -4.50
C PRO F 33 -29.33 21.49 -3.45
N VAL F 34 -29.09 21.72 -2.15
CA VAL F 34 -29.95 21.12 -1.12
C VAL F 34 -31.39 21.61 -1.27
N ALA F 35 -31.56 22.94 -1.37
CA ALA F 35 -32.90 23.52 -1.48
C ALA F 35 -33.57 23.13 -2.79
N HIS F 36 -32.81 23.09 -3.89
CA HIS F 36 -33.34 22.63 -5.15
C HIS F 36 -33.93 21.23 -5.02
N TRP F 37 -33.19 20.31 -4.40
CA TRP F 37 -33.70 18.95 -4.23
C TRP F 37 -34.97 18.96 -3.37
N LYS F 38 -34.95 19.71 -2.28
CA LYS F 38 -36.09 19.71 -1.37
C LYS F 38 -37.31 20.36 -2.01
N TRP F 39 -37.08 21.37 -2.85
CA TRP F 39 -38.17 22.04 -3.56
C TRP F 39 -38.88 21.08 -4.51
N ILE F 40 -38.10 20.27 -5.24
CA ILE F 40 -38.69 19.34 -6.20
C ILE F 40 -39.35 18.17 -5.50
N ASN F 41 -38.68 17.63 -4.49
CA ASN F 41 -39.17 16.42 -3.85
C ASN F 41 -40.05 16.68 -2.62
N ARG F 42 -40.34 17.94 -2.32
CA ARG F 42 -41.25 18.32 -1.24
C ARG F 42 -40.85 17.66 0.08
N LYS F 43 -39.63 17.96 0.49
CA LYS F 43 -39.07 17.58 1.77
C LYS F 43 -38.77 18.84 2.57
N PRO F 44 -38.94 18.80 3.89
CA PRO F 44 -38.78 20.03 4.68
C PRO F 44 -37.32 20.46 4.78
N ILE F 45 -37.13 21.78 4.82
CA ILE F 45 -35.79 22.35 4.98
C ILE F 45 -35.15 21.86 6.28
N SER F 46 -35.95 21.69 7.32
CA SER F 46 -35.46 21.25 8.62
C SER F 46 -35.44 19.74 8.70
N ASP F 47 -34.27 19.18 9.03
CA ASP F 47 -34.05 17.74 9.17
C ASP F 47 -33.38 17.51 10.51
N PRO F 48 -34.14 17.43 11.60
CA PRO F 48 -33.55 17.28 12.95
C PRO F 48 -32.61 16.09 13.05
N PRO F 49 -32.94 14.91 12.48
CA PRO F 49 -31.98 13.79 12.55
C PRO F 49 -30.64 14.09 11.91
N ARG F 50 -30.65 14.61 10.67
CA ARG F 50 -29.40 14.95 9.99
C ARG F 50 -28.61 15.98 10.77
N GLU F 51 -29.31 16.91 11.44
CA GLU F 51 -28.62 17.95 12.19
C GLU F 51 -27.95 17.38 13.44
N ALA F 52 -28.65 16.48 14.14
CA ALA F 52 -28.03 15.80 15.27
C ALA F 52 -26.83 14.97 14.82
N ALA F 53 -26.97 14.23 13.73
CA ALA F 53 -25.89 13.37 13.26
C ALA F 53 -24.66 14.20 12.87
N LEU F 54 -24.88 15.36 12.27
CA LEU F 54 -23.76 16.23 11.91
C LEU F 54 -23.03 16.73 13.15
N LEU F 55 -23.78 17.31 14.10
CA LEU F 55 -23.17 17.82 15.32
C LEU F 55 -22.45 16.73 16.11
N THR F 56 -22.87 15.47 15.94
CA THR F 56 -22.20 14.36 16.63
C THR F 56 -20.85 14.05 15.98
N ASP F 57 -20.79 14.06 14.66
CA ASP F 57 -19.50 13.96 13.97
C ASP F 57 -18.60 15.13 14.34
N VAL F 58 -19.18 16.33 14.45
CA VAL F 58 -18.39 17.51 14.80
C VAL F 58 -17.76 17.36 16.17
N GLU F 59 -18.54 16.89 17.15
CA GLU F 59 -18.00 16.64 18.48
C GLU F 59 -16.78 15.73 18.41
N LYS F 60 -16.89 14.61 17.70
CA LYS F 60 -15.78 13.67 17.63
C LYS F 60 -14.56 14.31 16.97
N ARG F 61 -14.77 14.98 15.83
CA ARG F 61 -13.64 15.53 15.08
C ARG F 61 -12.96 16.67 15.83
N ALA F 62 -13.74 17.55 16.47
CA ALA F 62 -13.16 18.67 17.20
C ALA F 62 -12.31 18.18 18.37
N THR F 63 -12.86 17.26 19.17
CA THR F 63 -12.07 16.66 20.24
C THR F 63 -10.84 15.95 19.69
N ALA F 64 -10.89 15.51 18.43
CA ALA F 64 -9.79 14.77 17.82
C ALA F 64 -8.72 15.69 17.23
N ASN F 65 -9.10 16.89 16.76
CA ASN F 65 -8.14 17.79 16.14
C ASN F 65 -7.67 18.90 17.08
N GLY F 66 -7.89 18.74 18.38
CA GLY F 66 -7.45 19.74 19.32
C GLY F 66 -8.26 21.03 19.35
N VAL F 67 -9.40 21.07 18.66
CA VAL F 67 -10.26 22.25 18.69
C VAL F 67 -11.11 22.22 19.96
N ASP F 68 -11.43 23.40 20.47
CA ASP F 68 -12.39 23.51 21.56
C ASP F 68 -13.74 22.96 21.11
N PRO F 69 -14.29 21.95 21.79
CA PRO F 69 -15.56 21.38 21.31
C PRO F 69 -16.72 22.37 21.38
N ALA F 70 -16.80 23.17 22.45
CA ALA F 70 -17.85 24.18 22.54
C ALA F 70 -17.72 25.20 21.41
N TYR F 71 -16.48 25.61 21.11
CA TYR F 71 -16.25 26.53 20.00
C TYR F 71 -16.62 25.88 18.67
N ALA F 72 -16.55 24.55 18.59
CA ALA F 72 -16.95 23.88 17.35
C ALA F 72 -18.46 23.80 17.22
N ARG F 73 -19.15 23.44 18.31
CA ARG F 73 -20.61 23.39 18.28
C ARG F 73 -21.20 24.72 17.84
N THR F 74 -20.76 25.82 18.46
CA THR F 74 -21.31 27.14 18.10
C THR F 74 -21.03 27.48 16.64
N PHE F 75 -19.84 27.11 16.16
CA PHE F 75 -19.51 27.42 14.77
C PHE F 75 -20.41 26.65 13.80
N PHE F 76 -20.62 25.36 14.05
CA PHE F 76 -21.45 24.60 13.13
C PHE F 76 -22.93 24.88 13.32
N ASP F 77 -23.35 25.21 14.56
CA ASP F 77 -24.66 25.82 14.73
C ASP F 77 -24.86 26.94 13.71
N ASP F 78 -23.85 27.79 13.54
CA ASP F 78 -23.96 28.89 12.60
C ASP F 78 -23.93 28.41 11.16
N GLN F 79 -23.16 27.36 10.85
CA GLN F 79 -23.21 26.79 9.50
C GLN F 79 -24.62 26.30 9.17
N ILE F 80 -25.26 25.64 10.14
CA ILE F 80 -26.59 25.10 9.90
C ILE F 80 -27.60 26.23 9.70
N ALA F 81 -27.57 27.23 10.58
CA ALA F 81 -28.52 28.33 10.45
C ALA F 81 -28.29 29.10 9.16
N ALA F 82 -27.02 29.31 8.79
CA ALA F 82 -26.72 29.98 7.53
C ALA F 82 -27.28 29.21 6.34
N SER F 83 -27.08 27.88 6.35
CA SER F 83 -27.64 27.04 5.29
C SER F 83 -29.16 27.15 5.23
N LYS F 84 -29.84 26.95 6.36
CA LYS F 84 -31.31 27.02 6.35
C LYS F 84 -31.80 28.42 5.98
N GLN F 85 -31.11 29.46 6.44
CA GLN F 85 -31.44 30.82 6.05
C GLN F 85 -31.40 31.00 4.53
N LEU F 86 -30.37 30.45 3.89
CA LEU F 86 -30.28 30.55 2.43
C LEU F 86 -31.34 29.67 1.76
N GLN F 87 -31.61 28.50 2.32
CA GLN F 87 -32.65 27.65 1.76
C GLN F 87 -34.00 28.36 1.83
N ASN F 88 -34.34 28.92 2.99
CA ASN F 88 -35.62 29.59 3.12
C ASN F 88 -35.70 30.77 2.18
N ALA F 89 -34.59 31.49 1.98
CA ALA F 89 -34.61 32.64 1.08
C ALA F 89 -34.79 32.21 -0.37
N LEU F 90 -34.17 31.10 -0.77
CA LEU F 90 -34.39 30.57 -2.11
C LEU F 90 -35.81 30.05 -2.27
N PHE F 91 -36.38 29.45 -1.21
CA PHE F 91 -37.77 28.99 -1.26
C PHE F 91 -38.73 30.17 -1.41
N ALA F 92 -38.49 31.25 -0.67
CA ALA F 92 -39.33 32.43 -0.81
C ALA F 92 -39.22 32.99 -2.22
N THR F 93 -37.99 33.07 -2.73
CA THR F 93 -37.78 33.52 -4.10
C THR F 93 -38.53 32.64 -5.09
N TRP F 94 -38.42 31.32 -4.93
CA TRP F 94 -39.04 30.41 -5.88
C TRP F 94 -40.56 30.41 -5.72
N ARG F 95 -41.06 30.42 -4.48
CA ARG F 95 -42.50 30.60 -4.28
C ARG F 95 -42.99 31.88 -4.95
N ALA F 96 -42.16 32.93 -4.96
CA ALA F 96 -42.56 34.21 -5.54
C ALA F 96 -42.44 34.23 -7.06
N THR F 97 -41.69 33.30 -7.65
CA THR F 97 -41.46 33.30 -9.09
C THR F 97 -41.62 31.88 -9.64
N HIS F 98 -40.50 31.19 -9.82
CA HIS F 98 -40.51 29.77 -10.17
C HIS F 98 -39.24 29.13 -9.64
N GLY F 99 -39.27 27.80 -9.52
CA GLY F 99 -38.10 27.07 -9.10
C GLY F 99 -37.02 27.12 -10.17
N PRO F 100 -35.85 26.58 -9.87
CA PRO F 100 -34.79 26.61 -10.87
C PRO F 100 -35.08 25.63 -12.00
N GLU F 101 -34.63 25.99 -13.20
CA GLU F 101 -34.66 25.04 -14.29
C GLU F 101 -33.61 23.95 -14.08
N GLY F 102 -33.79 22.85 -14.78
CA GLY F 102 -32.86 21.75 -14.72
C GLY F 102 -33.10 20.85 -13.52
N PRO F 103 -32.66 19.60 -13.64
CA PRO F 103 -32.86 18.64 -12.54
C PRO F 103 -32.09 19.06 -11.31
N ALA F 104 -32.57 18.60 -10.16
CA ALA F 104 -31.75 18.89 -8.99
C ALA F 104 -30.71 17.79 -8.80
N PRO F 105 -29.50 18.11 -8.34
CA PRO F 105 -28.55 17.05 -8.00
C PRO F 105 -29.09 16.20 -6.86
N ASP F 106 -28.73 14.92 -6.88
CA ASP F 106 -29.19 14.00 -5.87
C ASP F 106 -28.65 14.38 -4.50
N LEU F 107 -29.55 14.52 -3.54
CA LEU F 107 -29.15 14.96 -2.21
C LEU F 107 -28.24 13.94 -1.54
N ALA F 108 -28.63 12.66 -1.58
CA ALA F 108 -27.91 11.65 -0.81
C ALA F 108 -26.57 11.30 -1.43
N THR F 109 -26.51 11.15 -2.75
CA THR F 109 -25.31 10.62 -3.41
C THR F 109 -24.42 11.69 -4.02
N SER F 110 -24.89 12.92 -4.17
CA SER F 110 -24.04 13.98 -4.71
C SER F 110 -23.83 15.13 -3.73
N THR F 111 -24.90 15.74 -3.22
CA THR F 111 -24.70 16.94 -2.42
C THR F 111 -24.19 16.63 -1.01
N ARG F 112 -24.83 15.69 -0.32
CA ARG F 112 -24.40 15.39 1.05
C ARG F 112 -22.94 14.98 1.17
N PRO F 113 -22.37 14.12 0.30
CA PRO F 113 -20.93 13.85 0.41
C PRO F 113 -20.06 15.08 0.30
N GLN F 114 -20.47 16.08 -0.50
CA GLN F 114 -19.67 17.30 -0.58
C GLN F 114 -19.78 18.09 0.71
N LEU F 115 -21.00 18.16 1.28
CA LEU F 115 -21.20 18.70 2.62
C LEU F 115 -20.32 17.98 3.63
N ASP F 116 -20.36 16.65 3.62
CA ASP F 116 -19.66 15.86 4.63
C ASP F 116 -18.15 16.05 4.50
N ARG F 117 -17.66 16.00 3.26
CA ARG F 117 -16.23 16.21 3.04
C ARG F 117 -15.77 17.54 3.62
N LEU F 118 -16.60 18.57 3.53
CA LEU F 118 -16.20 19.89 4.03
C LEU F 118 -16.17 19.97 5.56
N THR F 119 -16.64 18.95 6.27
CA THR F 119 -16.63 19.04 7.73
C THR F 119 -15.21 18.94 8.27
N GLN F 120 -14.44 17.96 7.79
CA GLN F 120 -13.06 17.86 8.22
C GLN F 120 -12.25 19.10 7.82
N SER F 121 -12.51 19.65 6.62
CA SER F 121 -11.80 20.85 6.20
C SER F 121 -12.10 22.01 7.13
N LEU F 122 -13.40 22.26 7.38
CA LEU F 122 -13.78 23.36 8.26
C LEU F 122 -13.26 23.16 9.67
N ILE F 123 -13.12 21.91 10.14
CA ILE F 123 -12.55 21.67 11.45
C ILE F 123 -11.10 22.13 11.49
N ALA F 124 -10.32 21.74 10.47
CA ALA F 124 -8.91 22.07 10.48
C ALA F 124 -8.68 23.58 10.35
N ALA F 125 -9.52 24.25 9.56
CA ALA F 125 -9.36 25.70 9.44
C ALA F 125 -9.76 26.38 10.73
N LEU F 126 -10.85 25.92 11.35
CA LEU F 126 -11.29 26.47 12.63
C LEU F 126 -10.21 26.34 13.68
N ALA F 127 -9.39 25.29 13.60
CA ALA F 127 -8.31 25.11 14.56
C ALA F 127 -7.25 26.20 14.40
N ARG F 128 -6.92 26.55 13.15
CA ARG F 128 -5.93 27.60 12.94
C ARG F 128 -6.44 28.96 13.36
N VAL F 129 -7.76 29.15 13.37
CA VAL F 129 -8.33 30.43 13.77
C VAL F 129 -8.43 30.52 15.29
N ALA F 130 -8.80 29.40 15.94
CA ALA F 130 -9.16 29.27 17.36
C ALA F 130 -8.27 30.09 18.29
N PRO F 131 -6.94 30.04 18.16
CA PRO F 131 -6.11 30.86 19.06
C PRO F 131 -6.34 32.35 18.91
N LEU F 132 -6.76 32.82 17.72
CA LEU F 132 -6.93 34.25 17.49
C LEU F 132 -8.34 34.74 17.84
N ARG F 133 -9.18 33.88 18.44
CA ARG F 133 -10.57 34.26 18.70
C ARG F 133 -10.64 35.42 19.69
N ASP F 134 -9.71 35.47 20.65
CA ASP F 134 -9.73 36.47 21.71
C ASP F 134 -8.93 37.72 21.39
N ALA F 135 -8.20 37.75 20.27
CA ALA F 135 -7.39 38.91 19.94
C ALA F 135 -8.29 40.12 19.68
N PRO F 136 -7.90 41.31 20.12
CA PRO F 136 -8.81 42.46 20.01
C PRO F 136 -9.11 42.88 18.59
N ASP F 137 -8.21 42.58 17.64
CA ASP F 137 -8.39 42.95 16.25
C ASP F 137 -9.07 41.86 15.43
N CYS F 138 -9.50 40.77 16.06
CA CYS F 138 -10.14 39.67 15.34
C CYS F 138 -11.32 40.12 14.48
N PRO F 139 -12.32 40.84 15.00
CA PRO F 139 -13.48 41.15 14.15
C PRO F 139 -13.13 42.00 12.95
N SER F 140 -12.18 42.93 13.08
CA SER F 140 -11.84 43.80 11.96
C SER F 140 -11.06 43.05 10.90
N ARG F 141 -10.17 42.14 11.30
CA ARG F 141 -9.53 41.28 10.32
C ARG F 141 -10.55 40.33 9.68
N LEU F 142 -11.44 39.77 10.50
CA LEU F 142 -12.48 38.91 9.96
C LEU F 142 -13.38 39.66 8.98
N ALA F 143 -13.68 40.92 9.28
CA ALA F 143 -14.54 41.70 8.39
C ALA F 143 -13.87 41.95 7.04
N ARG F 144 -12.59 42.34 7.06
CA ARG F 144 -11.89 42.65 5.82
C ARG F 144 -11.81 41.44 4.91
N SER F 145 -11.41 40.29 5.46
CA SER F 145 -11.35 39.08 4.65
C SER F 145 -12.72 38.77 4.04
N ILE F 146 -13.78 38.84 4.86
CA ILE F 146 -15.13 38.61 4.34
C ILE F 146 -15.39 39.55 3.17
N ALA F 147 -15.17 40.85 3.38
CA ALA F 147 -15.43 41.84 2.34
C ALA F 147 -14.63 41.55 1.08
N ASN F 148 -13.35 41.18 1.23
CA ASN F 148 -12.53 40.89 0.05
C ASN F 148 -13.02 39.66 -0.68
N TRP F 149 -13.38 38.60 0.06
CA TRP F 149 -13.96 37.43 -0.56
C TRP F 149 -15.24 37.78 -1.34
N LYS F 150 -16.11 38.61 -0.74
CA LYS F 150 -17.38 38.94 -1.37
C LYS F 150 -17.17 39.63 -2.71
N THR F 151 -16.25 40.59 -2.77
CA THR F 151 -16.02 41.30 -4.02
C THR F 151 -15.48 40.39 -5.11
N LEU F 152 -14.83 39.29 -4.72
CA LEU F 152 -14.30 38.34 -5.69
C LEU F 152 -15.40 37.46 -6.28
N THR F 153 -16.24 36.91 -5.41
CA THR F 153 -17.12 35.82 -5.81
C THR F 153 -18.46 36.31 -6.34
N ARG F 154 -18.93 37.45 -5.83
CA ARG F 154 -20.18 38.05 -6.28
C ARG F 154 -21.33 37.04 -6.29
N TYR F 155 -21.51 36.34 -5.17
CA TYR F 155 -22.68 35.49 -5.03
C TYR F 155 -23.94 36.34 -4.86
N ASP F 156 -25.09 35.67 -4.87
CA ASP F 156 -26.37 36.35 -4.70
C ASP F 156 -26.46 37.00 -3.31
N SER F 157 -27.19 38.12 -3.25
CA SER F 157 -27.22 38.92 -2.02
C SER F 157 -27.66 38.10 -0.82
N ALA F 158 -28.65 37.22 -1.00
CA ALA F 158 -29.12 36.39 0.11
C ALA F 158 -28.05 35.43 0.58
N GLN F 159 -27.18 34.94 -0.32
CA GLN F 159 -26.11 34.07 0.13
C GLN F 159 -25.05 34.86 0.89
N LYS F 160 -24.73 36.07 0.40
CA LYS F 160 -23.81 36.95 1.12
C LYS F 160 -24.33 37.25 2.52
N ASP F 161 -25.63 37.55 2.65
CA ASP F 161 -26.25 37.72 3.96
C ASP F 161 -26.02 36.49 4.83
N ALA F 162 -26.30 35.30 4.29
CA ALA F 162 -26.11 34.06 5.04
C ALA F 162 -24.64 33.85 5.41
N LEU F 163 -23.71 34.31 4.58
CA LEU F 163 -22.29 34.15 4.93
C LEU F 163 -21.98 34.88 6.23
N GLY F 164 -22.56 36.07 6.42
CA GLY F 164 -22.40 36.77 7.68
C GLY F 164 -22.88 35.95 8.86
N THR F 165 -24.04 35.32 8.72
CA THR F 165 -24.54 34.43 9.76
C THR F 165 -23.56 33.30 10.03
N ALA F 166 -22.98 32.73 8.96
CA ALA F 166 -22.10 31.58 9.13
C ALA F 166 -20.89 31.91 9.98
N LEU F 167 -20.42 33.16 9.94
CA LEU F 167 -19.15 33.54 10.56
C LEU F 167 -19.33 34.46 11.77
N SER F 168 -20.55 34.59 12.29
CA SER F 168 -20.86 35.59 13.30
C SER F 168 -20.37 35.24 14.70
N HIS F 169 -19.75 34.07 14.89
CA HIS F 169 -19.19 33.66 16.17
C HIS F 169 -17.77 33.13 16.01
N VAL F 170 -17.04 33.64 15.01
CA VAL F 170 -15.64 33.30 14.84
C VAL F 170 -14.81 33.92 15.96
N CYS F 171 -14.97 35.22 16.18
CA CYS F 171 -14.28 35.90 17.26
C CYS F 171 -15.03 35.73 18.59
N NO3 G . 13.42 -3.77 -11.33
O1 NO3 G . 13.96 -3.98 -12.46
O2 NO3 G . 12.75 -2.70 -11.11
O3 NO3 G . 13.56 -4.62 -10.40
N NO3 H . 19.30 -0.94 -28.56
O1 NO3 H . 19.18 0.15 -29.20
O2 NO3 H . 18.49 -1.20 -27.62
O3 NO3 H . 20.21 -1.77 -28.88
N NO3 I . 15.51 -3.71 -27.32
O1 NO3 I . 14.94 -3.67 -26.19
O2 NO3 I . 16.57 -4.39 -27.49
O3 NO3 I . 15.01 -3.08 -28.31
N NO3 J . -12.75 -9.63 14.82
O1 NO3 J . -13.56 -8.70 15.17
O2 NO3 J . -11.54 -9.63 15.25
O3 NO3 J . -13.15 -10.52 14.02
N NO3 K . 1.14 -4.46 21.13
O1 NO3 K . 1.74 -5.48 20.69
O2 NO3 K . 1.77 -3.60 21.83
O3 NO3 K . -0.09 -4.29 20.86
N NO3 L . 2.30 -5.62 25.80
O1 NO3 L . 1.16 -5.06 25.85
O2 NO3 L . 2.96 -5.76 26.87
O3 NO3 L . 2.78 -6.01 24.70
C1 EDO M . -1.04 7.81 28.75
O1 EDO M . -0.93 6.78 29.74
C2 EDO M . -2.51 8.10 28.48
O2 EDO M . -2.82 9.45 28.86
C1 EDO N . 2.87 -1.55 24.46
O1 EDO N . 3.22 -2.89 24.82
C2 EDO N . 1.43 -1.25 24.84
O2 EDO N . 0.94 -0.08 24.19
C1 EDO O . 7.87 -16.57 15.73
O1 EDO O . 7.15 -15.32 15.80
C2 EDO O . 6.93 -17.76 15.94
O2 EDO O . 6.04 -17.92 14.84
N NO3 P . -0.98 -24.89 12.97
O1 NO3 P . -1.91 -24.82 13.85
O2 NO3 P . -0.13 -25.83 13.05
O3 NO3 P . -0.88 -24.03 12.03
N NO3 Q . -11.47 -29.36 23.87
O1 NO3 Q . -10.49 -29.16 23.09
O2 NO3 Q . -12.19 -28.41 24.30
O3 NO3 Q . -11.70 -30.55 24.22
N NO3 R . -9.84 -28.93 28.93
O1 NO3 R . -10.52 -27.85 28.77
O2 NO3 R . -10.01 -29.65 29.96
O3 NO3 R . -9.00 -29.28 28.06
C1 EDO S . 8.63 -28.18 11.98
O1 EDO S . 8.42 -29.26 11.06
C2 EDO S . 8.08 -26.89 11.38
O2 EDO S . 8.47 -25.79 12.20
C1 EDO T . -10.75 -32.25 27.28
O1 EDO T . -10.47 -33.64 27.45
C2 EDO T . -9.75 -31.68 26.27
O2 EDO T . -8.44 -31.75 26.82
N NO3 U . -5.41 -38.34 26.69
O1 NO3 U . -5.78 -38.42 25.47
O2 NO3 U . -6.24 -38.50 27.63
O3 NO3 U . -4.20 -38.10 26.97
N NO3 V . -12.86 -39.28 27.06
O1 NO3 V . -12.64 -40.52 27.25
O2 NO3 V . -14.02 -38.89 26.68
O3 NO3 V . -11.94 -38.44 27.26
N NO3 W . -7.01 20.70 -4.05
O1 NO3 W . -7.88 21.03 -4.93
O2 NO3 W . -6.90 21.36 -2.98
O3 NO3 W . -6.25 19.71 -4.24
N NO3 X . -26.64 11.54 -15.72
O1 NO3 X . -25.40 11.60 -15.49
O2 NO3 X . -27.08 11.93 -16.85
O3 NO3 X . -27.42 11.10 -14.83
N NO3 Y . -17.40 20.97 -19.53
O1 NO3 Y . -18.53 21.55 -19.42
O2 NO3 Y . -16.43 21.42 -18.86
O3 NO3 Y . -17.24 19.96 -20.28
C1 EDO Z . -11.91 10.10 -22.64
O1 EDO Z . -12.58 11.24 -23.19
C2 EDO Z . -10.43 10.43 -22.42
O2 EDO Z . -9.77 9.32 -21.79
N NO3 AA . 28.23 -16.04 -13.07
O1 NO3 AA . 29.15 -16.59 -13.73
O2 NO3 AA . 28.50 -15.01 -12.36
O3 NO3 AA . 27.06 -16.50 -13.13
C1 EDO BA . 32.89 -3.29 -22.57
O1 EDO BA . 34.20 -3.65 -23.01
C2 EDO BA . 33.00 -2.15 -21.57
O2 EDO BA . 33.79 -2.53 -20.43
N NO3 CA . 35.04 -3.86 -4.17
O1 NO3 CA . 34.68 -2.64 -4.19
O2 NO3 CA . 34.57 -4.72 -4.98
O3 NO3 CA . 35.90 -4.23 -3.32
N NO3 DA . -20.59 33.90 -0.34
O1 NO3 DA . -21.60 34.56 -0.71
O2 NO3 DA . -19.45 34.42 -0.49
O3 NO3 DA . -20.71 32.75 0.17
N NO3 EA . -29.35 18.40 4.18
O1 NO3 EA . -28.51 19.32 4.40
O2 NO3 EA . -28.94 17.20 4.11
O3 NO3 EA . -30.58 18.69 4.02
N NO3 FA . -26.31 20.57 7.14
O1 NO3 FA . -26.51 19.80 8.14
O2 NO3 FA . -26.24 20.07 5.98
O3 NO3 FA . -26.18 21.82 7.31
#